data_1YID
#
_entry.id   1YID
#
_cell.length_a   213.560
_cell.length_b   58.680
_cell.length_c   85.700
_cell.angle_alpha   90.00
_cell.angle_beta   96.60
_cell.angle_gamma   90.00
#
_symmetry.space_group_name_H-M   'C 1 2 1'
#
loop_
_entity.id
_entity.type
_entity.pdbx_description
1 polymer 'tryptophanyl-tRNA synthetase'
2 non-polymer 'MAGNESIUM ION'
3 non-polymer "ADENOSINE-5'-TRIPHOSPHATE"
4 water water
#
_entity_poly.entity_id   1
_entity_poly.type   'polypeptide(L)'
_entity_poly.pdbx_seq_one_letter_code
;MPFVDLEVPTMTTPTPAATPARPRVLTGDRPTGALHLGHLAGSLQNRVRLQDEAELFVLLADVQALTDHFDRPEQVRENV
LAVALDYLAAGLDPQKTTCVVQSAVPELAELTVYFLNLVTVSHLRQNPTVKAEIAQKGYGERVPAGFFVYPVSQAADIAA
FGATLVPVGDDQLPMLEQTREIVRRFNALYAPVLAEPQAQLSRVPRLPGLDGQAKMSKSLGNAIALGDSADEVARKVMGM
YTDPGHLRASDPGRVEGNPVFTFLDAFDPDPARVQALKDQYRAGGLGDVKVKKHLIDVLNGVLAPIRTRRAEYERDPDAV
LRFVTEGTARGREVAAQTLGQVRRAMRLFGH
;
_entity_poly.pdbx_strand_id   B,A,C
#
loop_
_chem_comp.id
_chem_comp.type
_chem_comp.name
_chem_comp.formula
ATP non-polymer ADENOSINE-5'-TRIPHOSPHATE 'C10 H16 N5 O13 P3'
MG non-polymer 'MAGNESIUM ION' 'Mg 2'
#
# COMPACT_ATOMS: atom_id res chain seq x y z
N ALA A 21 22.12 12.88 16.07
CA ALA A 21 21.08 11.89 15.67
C ALA A 21 19.79 12.01 16.50
N ARG A 22 18.81 11.22 16.12
CA ARG A 22 17.51 11.15 16.80
C ARG A 22 16.74 9.92 16.25
N PRO A 23 16.01 10.04 15.13
CA PRO A 23 15.29 8.84 14.67
C PRO A 23 16.17 7.86 13.89
N ARG A 24 15.76 6.60 13.84
CA ARG A 24 16.48 5.59 13.07
C ARG A 24 15.84 5.66 11.70
N VAL A 25 16.65 5.80 10.65
CA VAL A 25 16.18 5.90 9.27
C VAL A 25 16.72 4.77 8.40
N LEU A 26 15.83 4.06 7.72
CA LEU A 26 16.28 2.99 6.85
C LEU A 26 16.13 3.35 5.39
N THR A 27 17.21 3.20 4.61
CA THR A 27 17.16 3.48 3.19
C THR A 27 17.94 2.36 2.57
N GLY A 28 17.87 2.24 1.25
CA GLY A 28 18.61 1.18 0.59
C GLY A 28 18.45 1.12 -0.91
N ASP A 29 19.21 0.21 -1.51
CA ASP A 29 19.19 0.00 -2.95
C ASP A 29 19.43 -1.46 -3.27
N ARG A 30 18.88 -1.89 -4.40
CA ARG A 30 19.04 -3.24 -4.90
C ARG A 30 20.36 -3.25 -5.67
N PRO A 31 21.40 -3.92 -5.14
CA PRO A 31 22.71 -3.99 -5.80
C PRO A 31 22.66 -4.71 -7.15
N THR A 32 22.47 -3.93 -8.20
CA THR A 32 22.39 -4.48 -9.55
C THR A 32 23.31 -3.73 -10.50
N GLY A 33 24.05 -2.78 -9.95
CA GLY A 33 24.98 -2.00 -10.74
C GLY A 33 25.21 -0.64 -10.13
N ALA A 34 26.17 0.09 -10.69
CA ALA A 34 26.56 1.42 -10.25
C ALA A 34 25.38 2.38 -10.13
N LEU A 35 25.47 3.28 -9.15
CA LEU A 35 24.44 4.28 -8.93
C LEU A 35 24.59 5.42 -9.94
N HIS A 36 23.47 6.06 -10.28
CA HIS A 36 23.50 7.15 -11.23
C HIS A 36 22.97 8.45 -10.66
N LEU A 37 22.66 9.39 -11.53
CA LEU A 37 22.16 10.68 -11.12
C LEU A 37 20.79 10.63 -10.43
N GLY A 38 19.96 9.69 -10.85
CA GLY A 38 18.60 9.63 -10.37
C GLY A 38 18.57 9.17 -9.02
N HIS A 39 19.33 8.15 -8.77
CA HIS A 39 19.54 8.02 -7.40
C HIS A 39 19.92 9.29 -6.65
N LEU A 40 21.10 9.96 -6.99
CA LEU A 40 21.52 11.17 -6.30
C LEU A 40 20.47 12.17 -5.76
N ALA A 41 19.78 12.75 -6.72
CA ALA A 41 18.66 13.63 -6.42
C ALA A 41 17.51 12.80 -5.84
N GLY A 42 17.54 11.52 -6.12
CA GLY A 42 16.49 10.64 -5.64
C GLY A 42 16.58 10.39 -4.15
N SER A 43 17.79 10.38 -3.61
CA SER A 43 17.93 10.16 -2.18
C SER A 43 19.34 10.41 -1.69
N LEU A 44 20.33 9.82 -2.34
CA LEU A 44 21.73 9.98 -1.90
C LEU A 44 22.11 11.32 -1.27
N GLN A 45 21.71 12.44 -1.86
CA GLN A 45 22.06 13.72 -1.24
C GLN A 45 21.13 13.97 -0.06
N ASN A 46 19.97 13.31 -0.07
CA ASN A 46 19.01 13.46 1.03
C ASN A 46 19.55 12.76 2.29
N ARG A 47 20.08 11.55 2.12
CA ARG A 47 20.61 10.85 3.27
C ARG A 47 21.93 11.48 3.70
N VAL A 48 22.63 12.12 2.76
CA VAL A 48 23.90 12.76 3.09
C VAL A 48 23.71 13.75 4.23
N ARG A 49 22.57 14.44 4.19
CA ARG A 49 22.21 15.45 5.18
C ARG A 49 21.47 14.86 6.38
N LEU A 50 20.67 13.81 6.18
CA LEU A 50 19.98 13.23 7.31
C LEU A 50 20.97 12.33 8.05
N GLN A 51 22.17 12.27 7.49
CA GLN A 51 23.24 11.45 8.05
C GLN A 51 23.73 11.94 9.40
N ASP A 52 23.53 13.23 9.68
CA ASP A 52 23.96 13.78 10.96
C ASP A 52 22.75 14.28 11.73
N GLU A 53 21.61 14.13 11.09
CA GLU A 53 20.38 14.56 11.72
C GLU A 53 19.66 13.37 12.31
N ALA A 54 20.30 12.20 12.27
CA ALA A 54 19.71 10.98 12.77
C ALA A 54 20.65 9.78 12.59
N GLU A 55 20.16 8.61 13.00
CA GLU A 55 20.89 7.35 12.88
C GLU A 55 20.52 6.76 11.53
N LEU A 56 21.41 6.87 10.54
CA LEU A 56 21.10 6.36 9.21
C LEU A 56 21.64 4.97 8.87
N PHE A 57 20.76 4.13 8.35
CA PHE A 57 21.12 2.76 7.97
C PHE A 57 20.92 2.60 6.48
N VAL A 58 21.92 2.07 5.81
CA VAL A 58 21.80 1.88 4.39
C VAL A 58 21.93 0.40 4.09
N LEU A 59 20.82 -0.18 3.61
CA LEU A 59 20.80 -1.59 3.27
C LEU A 59 21.08 -1.89 1.81
N LEU A 60 22.06 -2.76 1.60
CA LEU A 60 22.40 -3.20 0.26
C LEU A 60 21.51 -4.42 0.13
N ALA A 61 20.33 -4.20 -0.44
CA ALA A 61 19.29 -5.22 -0.63
C ALA A 61 19.74 -6.45 -1.42
N ASP A 62 20.85 -7.01 -0.97
CA ASP A 62 21.45 -8.19 -1.54
C ASP A 62 20.39 -9.24 -1.95
N VAL A 63 19.58 -9.68 -0.99
CA VAL A 63 18.55 -10.70 -1.19
C VAL A 63 17.41 -10.29 -2.08
N GLN A 64 16.87 -9.10 -1.87
CA GLN A 64 15.77 -8.62 -2.71
C GLN A 64 16.26 -8.53 -4.17
N ALA A 65 17.55 -8.23 -4.36
CA ALA A 65 18.14 -8.15 -5.69
C ALA A 65 18.07 -9.49 -6.41
N LEU A 66 17.98 -10.59 -5.66
CA LEU A 66 17.90 -11.90 -6.28
C LEU A 66 16.47 -12.25 -6.74
N THR A 67 15.43 -11.64 -6.15
CA THR A 67 14.05 -11.97 -6.59
C THR A 67 13.89 -11.53 -8.03
N ASP A 68 14.97 -10.98 -8.57
CA ASP A 68 15.00 -10.45 -9.93
C ASP A 68 16.24 -10.94 -10.69
N HIS A 69 17.30 -11.18 -9.94
CA HIS A 69 18.54 -11.65 -10.53
C HIS A 69 18.96 -12.97 -9.91
N PHE A 70 17.97 -13.82 -9.62
CA PHE A 70 18.23 -15.13 -9.05
C PHE A 70 19.07 -15.97 -10.02
N ASP A 71 19.04 -15.61 -11.31
CA ASP A 71 19.82 -16.33 -12.33
C ASP A 71 21.19 -15.69 -12.63
N ARG A 72 21.43 -14.50 -12.10
CA ARG A 72 22.70 -13.79 -12.28
C ARG A 72 23.28 -13.38 -10.92
N PRO A 73 23.50 -14.35 -10.01
CA PRO A 73 24.05 -14.10 -8.66
C PRO A 73 25.40 -13.36 -8.66
N GLU A 74 26.24 -13.68 -9.64
CA GLU A 74 27.56 -13.06 -9.81
C GLU A 74 27.42 -11.55 -9.95
N GLN A 75 26.47 -11.13 -10.76
CA GLN A 75 26.16 -9.73 -10.98
C GLN A 75 26.00 -8.97 -9.65
N VAL A 76 25.15 -9.54 -8.77
CA VAL A 76 24.82 -8.95 -7.46
C VAL A 76 26.05 -8.86 -6.54
N ARG A 77 26.70 -10.00 -6.35
CA ARG A 77 27.89 -10.06 -5.51
C ARG A 77 28.85 -8.92 -5.86
N GLU A 78 29.12 -8.77 -7.17
CA GLU A 78 30.02 -7.74 -7.67
C GLU A 78 29.59 -6.31 -7.34
N ASN A 79 28.28 -6.05 -7.40
CA ASN A 79 27.74 -4.72 -7.14
C ASN A 79 27.50 -4.26 -5.72
N VAL A 80 27.68 -5.16 -4.74
CA VAL A 80 27.50 -4.79 -3.35
C VAL A 80 28.63 -3.82 -3.01
N LEU A 81 29.86 -4.23 -3.31
CA LEU A 81 31.05 -3.41 -3.09
C LEU A 81 31.02 -2.17 -3.99
N ALA A 82 30.49 -2.32 -5.20
CA ALA A 82 30.44 -1.21 -6.14
C ALA A 82 29.46 -0.14 -5.67
N VAL A 83 28.34 -0.57 -5.14
CA VAL A 83 27.39 0.41 -4.67
C VAL A 83 27.91 1.06 -3.40
N ALA A 84 28.53 0.27 -2.54
CA ALA A 84 29.06 0.83 -1.31
C ALA A 84 30.06 1.92 -1.69
N LEU A 85 30.86 1.67 -2.73
CA LEU A 85 31.84 2.64 -3.19
C LEU A 85 31.06 3.87 -3.63
N ASP A 86 29.98 3.65 -4.39
CA ASP A 86 29.15 4.76 -4.85
C ASP A 86 28.72 5.57 -3.65
N TYR A 87 28.19 4.87 -2.63
CA TYR A 87 27.73 5.48 -1.38
C TYR A 87 28.77 6.40 -0.76
N LEU A 88 29.97 5.87 -0.56
CA LEU A 88 31.04 6.66 0.03
C LEU A 88 31.41 7.88 -0.82
N ALA A 89 31.51 7.66 -2.14
CA ALA A 89 31.90 8.75 -3.03
C ALA A 89 30.85 9.81 -3.06
N ALA A 90 29.62 9.44 -2.71
CA ALA A 90 28.51 10.37 -2.73
C ALA A 90 28.44 11.26 -1.52
N GLY A 91 29.31 11.02 -0.55
CA GLY A 91 29.27 11.84 0.64
C GLY A 91 28.91 11.17 1.95
N LEU A 92 28.65 9.87 1.94
CA LEU A 92 28.31 9.19 3.19
C LEU A 92 29.61 8.85 3.94
N ASP A 93 29.63 9.23 5.23
CA ASP A 93 30.76 9.03 6.14
C ASP A 93 30.63 7.77 7.01
N PRO A 94 31.62 6.85 6.90
CA PRO A 94 31.72 5.58 7.62
C PRO A 94 31.47 5.75 9.11
N GLN A 95 31.75 6.96 9.59
CA GLN A 95 31.58 7.28 10.99
C GLN A 95 30.15 7.63 11.37
N LYS A 96 29.27 7.85 10.38
CA LYS A 96 27.89 8.21 10.67
C LYS A 96 26.78 7.37 10.02
N THR A 97 27.16 6.43 9.17
CA THR A 97 26.19 5.58 8.49
C THR A 97 26.52 4.09 8.60
N THR A 98 25.51 3.29 8.91
CA THR A 98 25.70 1.86 9.04
C THR A 98 25.30 1.21 7.73
N CYS A 99 26.28 0.66 7.04
CA CYS A 99 26.06 0.00 5.75
C CYS A 99 25.85 -1.48 6.03
N VAL A 100 24.77 -2.04 5.49
CA VAL A 100 24.44 -3.43 5.78
C VAL A 100 24.12 -4.31 4.58
N VAL A 101 24.79 -5.45 4.46
CA VAL A 101 24.52 -6.37 3.35
C VAL A 101 23.41 -7.29 3.83
N GLN A 102 22.24 -7.20 3.21
CA GLN A 102 21.05 -7.99 3.58
C GLN A 102 21.26 -9.47 3.79
N SER A 103 21.94 -10.12 2.83
CA SER A 103 22.17 -11.56 2.93
C SER A 103 22.92 -11.98 4.18
N ALA A 104 23.72 -11.08 4.74
CA ALA A 104 24.49 -11.40 5.92
C ALA A 104 23.71 -11.13 7.19
N VAL A 105 22.41 -10.87 7.04
CA VAL A 105 21.56 -10.63 8.20
C VAL A 105 20.39 -11.57 8.01
N PRO A 106 20.63 -12.87 8.27
CA PRO A 106 19.61 -13.91 8.13
C PRO A 106 18.38 -13.59 8.96
N GLU A 107 18.58 -12.77 9.99
CA GLU A 107 17.49 -12.39 10.88
C GLU A 107 16.36 -11.76 10.09
N LEU A 108 16.69 -11.13 8.96
CA LEU A 108 15.66 -10.50 8.13
C LEU A 108 14.78 -11.50 7.41
N ALA A 109 15.35 -12.62 7.00
CA ALA A 109 14.60 -13.67 6.32
C ALA A 109 13.65 -14.30 7.32
N GLU A 110 14.14 -14.50 8.55
CA GLU A 110 13.34 -15.09 9.63
C GLU A 110 12.07 -14.24 9.79
N LEU A 111 12.27 -12.94 10.01
CA LEU A 111 11.16 -12.04 10.20
C LEU A 111 10.24 -11.95 9.00
N THR A 112 10.76 -12.18 7.79
CA THR A 112 9.94 -12.11 6.60
C THR A 112 8.93 -13.23 6.61
N VAL A 113 9.42 -14.43 6.94
CA VAL A 113 8.52 -15.56 7.00
C VAL A 113 7.34 -15.29 7.95
N TYR A 114 7.64 -14.77 9.14
CA TYR A 114 6.59 -14.48 10.12
C TYR A 114 5.58 -13.45 9.57
N PHE A 115 6.11 -12.44 8.90
CA PHE A 115 5.27 -11.40 8.34
C PHE A 115 4.36 -11.95 7.24
N LEU A 116 4.81 -12.96 6.52
CA LEU A 116 4.00 -13.51 5.43
C LEU A 116 2.64 -13.99 5.89
N ASN A 117 2.55 -14.31 7.17
CA ASN A 117 1.32 -14.81 7.75
C ASN A 117 0.34 -13.67 8.01
N LEU A 118 0.84 -12.45 8.03
CA LEU A 118 0.00 -11.30 8.32
C LEU A 118 -0.64 -10.57 7.14
N VAL A 119 -0.52 -11.11 5.93
CA VAL A 119 -1.12 -10.45 4.79
C VAL A 119 -1.66 -11.53 3.84
N THR A 120 -2.71 -11.19 3.08
CA THR A 120 -3.33 -12.13 2.15
C THR A 120 -2.72 -12.00 0.77
N VAL A 121 -2.88 -13.04 -0.04
CA VAL A 121 -2.35 -13.03 -1.40
C VAL A 121 -3.06 -11.97 -2.22
N SER A 122 -4.36 -11.79 -1.96
CA SER A 122 -5.16 -10.82 -2.67
C SER A 122 -4.75 -9.41 -2.35
N HIS A 123 -4.19 -9.21 -1.18
CA HIS A 123 -3.79 -7.88 -0.81
C HIS A 123 -2.45 -7.60 -1.47
N LEU A 124 -1.64 -8.64 -1.57
CA LEU A 124 -0.34 -8.50 -2.18
C LEU A 124 -0.55 -8.24 -3.67
N ARG A 125 -1.63 -8.80 -4.19
CA ARG A 125 -2.00 -8.69 -5.60
C ARG A 125 -2.43 -7.30 -6.03
N GLN A 126 -2.88 -6.49 -5.09
CA GLN A 126 -3.32 -5.15 -5.43
C GLN A 126 -2.31 -4.06 -5.16
N ASN A 127 -1.04 -4.43 -5.00
CA ASN A 127 0.01 -3.45 -4.78
C ASN A 127 0.23 -2.87 -6.18
N PRO A 128 -0.05 -1.57 -6.36
CA PRO A 128 0.12 -0.94 -7.68
C PRO A 128 1.54 -0.94 -8.25
N THR A 129 2.53 -0.73 -7.39
CA THR A 129 3.90 -0.70 -7.85
C THR A 129 4.39 -2.07 -8.31
N VAL A 130 4.14 -3.10 -7.50
CA VAL A 130 4.56 -4.45 -7.88
C VAL A 130 3.81 -4.90 -9.13
N LYS A 131 2.56 -4.46 -9.29
CA LYS A 131 1.76 -4.84 -10.45
C LYS A 131 2.30 -4.22 -11.76
N ALA A 132 2.84 -3.00 -11.64
CA ALA A 132 3.41 -2.29 -12.77
C ALA A 132 4.71 -2.98 -13.11
N GLU A 133 5.57 -3.17 -12.11
CA GLU A 133 6.86 -3.83 -12.34
C GLU A 133 6.63 -5.20 -13.00
N ILE A 134 5.61 -5.92 -12.53
CA ILE A 134 5.31 -7.25 -13.07
C ILE A 134 4.93 -7.22 -14.55
N ALA A 135 4.09 -6.26 -14.93
CA ALA A 135 3.65 -6.12 -16.33
C ALA A 135 4.83 -5.74 -17.22
N GLN A 136 5.70 -4.89 -16.68
CA GLN A 136 6.87 -4.44 -17.42
C GLN A 136 7.82 -5.60 -17.72
N LYS A 137 8.00 -6.51 -16.76
CA LYS A 137 8.89 -7.66 -16.93
C LYS A 137 8.27 -8.80 -17.74
N GLY A 138 7.01 -8.62 -18.12
CA GLY A 138 6.32 -9.63 -18.90
C GLY A 138 6.20 -10.97 -18.22
N TYR A 139 6.24 -10.97 -16.88
CA TYR A 139 6.10 -12.20 -16.13
C TYR A 139 4.72 -12.82 -16.36
N GLY A 140 3.67 -12.03 -16.17
CA GLY A 140 2.32 -12.56 -16.30
C GLY A 140 2.03 -13.36 -15.06
N GLU A 141 1.18 -14.38 -15.12
CA GLU A 141 0.94 -15.15 -13.90
C GLU A 141 2.25 -15.86 -13.50
N ARG A 142 3.21 -15.89 -14.42
CA ARG A 142 4.50 -16.54 -14.13
C ARG A 142 5.48 -15.63 -13.40
N VAL A 143 4.97 -15.00 -12.34
CA VAL A 143 5.74 -14.10 -11.49
C VAL A 143 6.45 -14.93 -10.44
N PRO A 144 7.77 -14.75 -10.28
CA PRO A 144 8.50 -15.52 -9.27
C PRO A 144 7.94 -15.21 -7.89
N ALA A 145 7.76 -16.24 -7.07
CA ALA A 145 7.21 -16.01 -5.75
C ALA A 145 8.02 -14.99 -4.94
N GLY A 146 9.34 -15.08 -5.02
CA GLY A 146 10.16 -14.15 -4.26
C GLY A 146 9.89 -12.70 -4.55
N PHE A 147 9.62 -12.42 -5.82
CA PHE A 147 9.35 -11.07 -6.33
C PHE A 147 7.98 -10.61 -5.89
N PHE A 148 6.99 -11.42 -6.20
CA PHE A 148 5.62 -11.10 -5.87
C PHE A 148 5.50 -10.70 -4.42
N VAL A 149 6.42 -11.25 -3.62
CA VAL A 149 6.49 -11.09 -2.18
C VAL A 149 7.49 -10.07 -1.62
N TYR A 150 8.29 -9.46 -2.48
CA TYR A 150 9.28 -8.52 -1.96
C TYR A 150 8.77 -7.36 -1.09
N PRO A 151 7.50 -6.93 -1.27
CA PRO A 151 7.09 -5.82 -0.39
C PRO A 151 7.10 -6.18 1.13
N VAL A 152 6.76 -7.40 1.47
CA VAL A 152 6.77 -7.72 2.88
C VAL A 152 8.21 -7.92 3.33
N SER A 153 9.05 -8.42 2.41
CA SER A 153 10.46 -8.62 2.72
C SER A 153 10.99 -7.25 3.12
N GLN A 154 10.53 -6.21 2.42
CA GLN A 154 10.96 -4.85 2.75
C GLN A 154 10.46 -4.41 4.10
N ALA A 155 9.24 -4.83 4.44
CA ALA A 155 8.62 -4.47 5.71
C ALA A 155 9.46 -5.08 6.83
N ALA A 156 9.93 -6.30 6.60
CA ALA A 156 10.79 -6.98 7.56
C ALA A 156 12.09 -6.20 7.74
N ASP A 157 12.63 -5.69 6.62
CA ASP A 157 13.87 -4.90 6.65
C ASP A 157 13.64 -3.75 7.61
N ILE A 158 12.57 -3.02 7.37
CA ILE A 158 12.23 -1.88 8.19
C ILE A 158 12.08 -2.25 9.64
N ALA A 159 11.14 -3.15 9.93
CA ALA A 159 10.87 -3.57 11.30
C ALA A 159 12.06 -4.18 12.05
N ALA A 160 12.92 -4.93 11.38
CA ALA A 160 14.05 -5.52 12.07
C ALA A 160 15.08 -4.48 12.54
N PHE A 161 15.25 -3.41 11.77
CA PHE A 161 16.23 -2.36 12.09
C PHE A 161 15.60 -1.29 12.98
N GLY A 162 14.33 -1.50 13.29
CA GLY A 162 13.58 -0.60 14.14
C GLY A 162 13.35 0.80 13.60
N ALA A 163 13.52 0.96 12.29
CA ALA A 163 13.37 2.24 11.60
C ALA A 163 12.07 2.96 11.89
N THR A 164 12.14 4.24 12.23
CA THR A 164 10.90 4.98 12.44
C THR A 164 10.68 5.97 11.30
N LEU A 165 11.69 6.15 10.46
CA LEU A 165 11.61 7.07 9.33
C LEU A 165 12.15 6.41 8.07
N VAL A 166 11.35 6.44 7.02
CA VAL A 166 11.75 5.85 5.77
C VAL A 166 11.46 6.74 4.59
N PRO A 167 12.50 7.41 4.05
CA PRO A 167 12.37 8.29 2.90
C PRO A 167 11.69 7.44 1.86
N VAL A 168 10.78 8.00 1.11
CA VAL A 168 10.09 7.17 0.12
C VAL A 168 9.66 7.91 -1.14
N GLY A 169 9.98 7.33 -2.29
CA GLY A 169 9.57 7.95 -3.53
C GLY A 169 8.07 7.90 -3.51
N ASP A 170 7.41 8.79 -4.27
CA ASP A 170 5.96 8.78 -4.32
C ASP A 170 5.57 7.33 -4.59
N ASP A 171 6.30 6.75 -5.52
CA ASP A 171 6.13 5.39 -6.00
C ASP A 171 6.15 4.28 -4.97
N GLN A 172 6.94 4.44 -3.92
CA GLN A 172 7.07 3.42 -2.88
C GLN A 172 6.13 3.61 -1.70
N LEU A 173 5.07 4.39 -1.87
CA LEU A 173 4.14 4.57 -0.77
C LEU A 173 3.36 3.33 -0.44
N PRO A 174 2.83 2.64 -1.46
CA PRO A 174 2.05 1.44 -1.13
C PRO A 174 2.80 0.51 -0.19
N MET A 175 4.07 0.28 -0.48
CA MET A 175 4.88 -0.58 0.34
C MET A 175 5.00 -0.03 1.76
N LEU A 176 5.32 1.25 1.87
CA LEU A 176 5.48 1.86 3.20
C LEU A 176 4.22 1.65 4.01
N GLU A 177 3.06 1.89 3.38
CA GLU A 177 1.77 1.74 4.04
C GLU A 177 1.51 0.29 4.40
N GLN A 178 2.01 -0.63 3.59
CA GLN A 178 1.79 -2.02 3.93
C GLN A 178 2.61 -2.36 5.17
N THR A 179 3.80 -1.77 5.29
CA THR A 179 4.65 -2.01 6.45
C THR A 179 3.92 -1.60 7.72
N ARG A 180 3.33 -0.40 7.76
CA ARG A 180 2.64 0.06 8.96
C ARG A 180 1.50 -0.88 9.32
N GLU A 181 0.79 -1.30 8.29
CA GLU A 181 -0.31 -2.20 8.47
C GLU A 181 0.16 -3.47 9.16
N ILE A 182 1.15 -4.12 8.58
CA ILE A 182 1.70 -5.36 9.12
C ILE A 182 2.28 -5.20 10.51
N VAL A 183 2.96 -4.08 10.75
CA VAL A 183 3.53 -3.84 12.06
C VAL A 183 2.36 -3.70 13.03
N ARG A 184 1.36 -2.92 12.64
CA ARG A 184 0.17 -2.74 13.45
C ARG A 184 -0.48 -4.08 13.78
N ARG A 185 -0.72 -4.91 12.77
CA ARG A 185 -1.33 -6.21 13.03
C ARG A 185 -0.47 -7.10 13.91
N PHE A 186 0.85 -6.95 13.81
CA PHE A 186 1.78 -7.77 14.60
C PHE A 186 1.76 -7.39 16.07
N ASN A 187 1.69 -6.10 16.36
CA ASN A 187 1.65 -5.64 17.74
C ASN A 187 0.35 -6.04 18.45
N ALA A 188 -0.75 -6.06 17.72
CA ALA A 188 -2.02 -6.40 18.33
C ALA A 188 -2.11 -7.89 18.64
N LEU A 189 -1.82 -8.72 17.64
CA LEU A 189 -1.90 -10.17 17.81
C LEU A 189 -0.97 -10.70 18.89
N TYR A 190 0.31 -10.34 18.79
CA TYR A 190 1.35 -10.79 19.73
C TYR A 190 1.66 -9.82 20.87
N ALA A 191 2.46 -8.80 20.64
CA ALA A 191 2.79 -7.84 21.68
C ALA A 191 3.31 -6.61 20.99
N PRO A 192 3.12 -5.42 21.57
CA PRO A 192 3.60 -4.19 20.93
C PRO A 192 5.09 -3.86 21.02
N VAL A 193 5.95 -4.62 20.33
CA VAL A 193 7.35 -4.29 20.38
C VAL A 193 7.94 -3.79 19.04
N LEU A 194 7.11 -3.59 18.02
CA LEU A 194 7.61 -3.08 16.72
C LEU A 194 7.07 -1.67 16.50
N ALA A 195 7.89 -0.80 15.93
CA ALA A 195 7.51 0.59 15.68
C ALA A 195 6.98 0.80 14.28
N GLU A 196 5.89 1.55 14.15
CA GLU A 196 5.29 1.86 12.83
C GLU A 196 6.17 2.94 12.21
N PRO A 197 6.75 2.67 11.04
CA PRO A 197 7.60 3.68 10.41
C PRO A 197 6.78 4.82 9.83
N GLN A 198 7.37 6.00 9.78
CA GLN A 198 6.66 7.11 9.17
C GLN A 198 7.45 7.55 7.96
N ALA A 199 6.74 8.00 6.94
CA ALA A 199 7.33 8.42 5.67
C ALA A 199 7.98 9.79 5.63
N GLN A 200 8.93 9.94 4.72
CA GLN A 200 9.61 11.20 4.48
C GLN A 200 9.49 11.40 2.99
N LEU A 201 8.48 12.17 2.61
CA LEU A 201 8.21 12.49 1.22
C LEU A 201 9.34 13.35 0.65
N SER A 202 9.57 13.27 -0.65
CA SER A 202 10.61 14.08 -1.27
C SER A 202 9.97 15.09 -2.19
N ARG A 203 10.78 15.99 -2.73
CA ARG A 203 10.26 17.02 -3.63
C ARG A 203 10.39 16.59 -5.08
N VAL A 204 11.64 16.54 -5.53
CA VAL A 204 11.94 16.14 -6.89
C VAL A 204 11.36 14.76 -7.13
N PRO A 205 10.37 14.66 -8.02
CA PRO A 205 9.78 13.34 -8.30
C PRO A 205 10.82 12.55 -9.09
N ARG A 206 10.57 11.28 -9.31
CA ARG A 206 11.53 10.41 -9.97
C ARG A 206 12.14 11.10 -11.23
N LEU A 207 13.42 11.41 -11.09
CA LEU A 207 14.24 12.07 -12.11
C LEU A 207 14.08 11.22 -13.33
N PRO A 208 13.80 11.83 -14.49
CA PRO A 208 13.63 11.11 -15.74
C PRO A 208 14.91 10.70 -16.43
N GLY A 209 14.82 9.73 -17.33
CA GLY A 209 15.99 9.30 -18.04
C GLY A 209 16.37 10.25 -19.18
N LEU A 210 17.60 10.13 -19.65
CA LEU A 210 18.11 10.94 -20.75
C LEU A 210 17.15 10.75 -21.92
N ASP A 211 16.58 9.56 -21.98
CA ASP A 211 15.61 9.13 -22.99
C ASP A 211 14.43 10.09 -23.07
N GLY A 212 13.95 10.52 -21.92
CA GLY A 212 12.78 11.39 -21.89
C GLY A 212 11.70 10.57 -21.19
N GLN A 213 12.09 9.36 -20.77
CA GLN A 213 11.22 8.43 -20.06
C GLN A 213 10.96 8.97 -18.67
N ALA A 214 10.29 8.19 -17.83
CA ALA A 214 10.00 8.61 -16.46
C ALA A 214 11.08 8.05 -15.56
N LYS A 215 11.63 6.91 -15.94
CA LYS A 215 12.65 6.35 -15.09
C LYS A 215 14.05 6.24 -15.71
N MET A 216 15.04 6.57 -14.90
CA MET A 216 16.43 6.49 -15.32
C MET A 216 16.91 5.19 -14.70
N SER A 217 17.63 4.38 -15.46
CA SER A 217 18.10 3.09 -14.97
C SER A 217 19.14 2.55 -15.92
N LYS A 218 20.08 1.74 -15.42
CA LYS A 218 21.09 1.20 -16.30
C LYS A 218 20.45 0.23 -17.28
N SER A 219 19.33 -0.35 -16.85
CA SER A 219 18.57 -1.30 -17.64
C SER A 219 17.98 -0.63 -18.88
N LEU A 220 17.50 0.59 -18.70
CA LEU A 220 16.91 1.32 -19.80
C LEU A 220 17.99 2.04 -20.58
N GLY A 221 19.22 1.96 -20.07
CA GLY A 221 20.37 2.57 -20.73
C GLY A 221 20.33 4.08 -20.90
N ASN A 222 19.50 4.76 -20.11
CA ASN A 222 19.38 6.21 -20.20
C ASN A 222 19.94 6.86 -18.94
N ALA A 223 21.03 6.31 -18.41
CA ALA A 223 21.56 6.88 -17.18
C ALA A 223 22.97 7.41 -17.25
N ILE A 224 23.23 8.37 -16.36
CA ILE A 224 24.53 8.96 -16.20
C ILE A 224 25.00 8.50 -14.83
N ALA A 225 25.80 7.45 -14.80
CA ALA A 225 26.35 6.89 -13.55
C ALA A 225 27.27 7.88 -12.84
N LEU A 226 27.37 7.75 -11.53
CA LEU A 226 28.22 8.63 -10.71
C LEU A 226 29.70 8.41 -11.00
N GLY A 227 30.01 7.38 -11.77
CA GLY A 227 31.40 7.11 -12.09
C GLY A 227 31.82 7.57 -13.46
N ASP A 228 30.86 8.07 -14.24
CA ASP A 228 31.12 8.55 -15.60
C ASP A 228 32.06 9.76 -15.67
N SER A 229 32.97 9.72 -16.64
CA SER A 229 33.96 10.77 -16.85
C SER A 229 33.39 12.07 -17.41
N ALA A 230 34.07 13.18 -17.12
CA ALA A 230 33.63 14.49 -17.60
C ALA A 230 33.22 14.39 -19.05
N ASP A 231 33.99 13.62 -19.82
CA ASP A 231 33.72 13.43 -21.25
C ASP A 231 32.37 12.78 -21.50
N GLU A 232 32.13 11.68 -20.80
CA GLU A 232 30.89 10.94 -20.92
C GLU A 232 29.70 11.79 -20.49
N VAL A 233 29.73 12.28 -19.26
CA VAL A 233 28.62 13.09 -18.81
C VAL A 233 28.26 14.13 -19.89
N ALA A 234 29.26 14.72 -20.54
CA ALA A 234 28.99 15.70 -21.59
C ALA A 234 28.34 15.05 -22.81
N ARG A 235 28.87 13.90 -23.19
CA ARG A 235 28.32 13.17 -24.32
C ARG A 235 26.91 12.71 -24.03
N LYS A 236 26.62 12.32 -22.79
CA LYS A 236 25.29 11.84 -22.42
C LYS A 236 24.28 12.97 -22.43
N VAL A 237 24.73 14.18 -22.11
CA VAL A 237 23.84 15.33 -22.09
C VAL A 237 23.51 15.76 -23.51
N MET A 238 24.51 15.68 -24.38
CA MET A 238 24.33 16.06 -25.77
C MET A 238 23.38 15.16 -26.55
N GLY A 239 23.23 13.91 -26.12
CA GLY A 239 22.33 13.00 -26.84
C GLY A 239 20.96 12.91 -26.18
N MET A 240 20.82 13.69 -25.12
CA MET A 240 19.62 13.74 -24.32
C MET A 240 18.40 14.22 -25.10
N TYR A 241 17.30 13.48 -24.98
CA TYR A 241 16.05 13.85 -25.64
C TYR A 241 15.73 15.26 -25.20
N THR A 242 15.14 16.04 -26.10
CA THR A 242 14.77 17.41 -25.80
C THR A 242 13.36 17.74 -26.22
N ASP A 243 13.25 18.27 -27.44
CA ASP A 243 11.95 18.67 -27.94
C ASP A 243 11.87 18.53 -29.46
N PRO A 244 11.09 17.56 -29.94
CA PRO A 244 10.97 17.42 -31.40
C PRO A 244 10.14 18.66 -31.77
N GLY A 245 10.01 19.00 -33.05
CA GLY A 245 9.24 20.20 -33.36
C GLY A 245 10.13 21.42 -33.21
N HIS A 246 11.11 21.31 -32.32
CA HIS A 246 12.09 22.37 -32.10
C HIS A 246 13.26 21.82 -32.90
N LEU A 247 13.34 22.25 -34.15
CA LEU A 247 14.40 21.80 -35.06
C LEU A 247 15.61 22.73 -35.05
N ARG A 248 15.38 24.04 -35.14
CA ARG A 248 16.46 25.04 -35.11
C ARG A 248 16.31 26.05 -33.96
N ALA A 249 17.45 26.52 -33.44
CA ALA A 249 17.51 27.48 -32.33
C ALA A 249 16.37 28.51 -32.38
N SER A 250 16.45 29.41 -33.36
CA SER A 250 15.47 30.47 -33.57
C SER A 250 14.10 30.10 -33.05
N ASP A 251 13.57 29.00 -33.57
CA ASP A 251 12.25 28.53 -33.16
C ASP A 251 11.98 28.56 -31.68
N PRO A 252 10.69 28.64 -31.33
CA PRO A 252 10.28 28.67 -29.92
C PRO A 252 10.21 27.24 -29.39
N GLY A 253 10.60 27.05 -28.14
CA GLY A 253 10.55 25.72 -27.55
C GLY A 253 9.66 25.73 -26.33
N ARG A 254 9.41 24.55 -25.76
CA ARG A 254 8.59 24.44 -24.56
C ARG A 254 9.22 23.49 -23.54
N VAL A 255 9.17 23.89 -22.27
CA VAL A 255 9.77 23.11 -21.20
C VAL A 255 9.07 21.82 -20.75
N GLU A 256 7.77 21.72 -21.00
CA GLU A 256 7.05 20.52 -20.61
C GLU A 256 7.58 19.31 -21.40
N GLY A 257 7.98 18.28 -20.65
CA GLY A 257 8.49 17.06 -21.26
C GLY A 257 9.96 17.06 -21.65
N ASN A 258 10.65 18.17 -21.37
CA ASN A 258 12.07 18.29 -21.71
C ASN A 258 12.97 17.90 -20.54
N PRO A 259 13.59 16.71 -20.61
CA PRO A 259 14.48 16.28 -19.53
C PRO A 259 15.56 17.27 -19.08
N VAL A 260 16.12 18.05 -20.00
CA VAL A 260 17.16 18.99 -19.59
C VAL A 260 16.65 19.96 -18.50
N PHE A 261 15.45 20.51 -18.68
CA PHE A 261 14.90 21.44 -17.69
C PHE A 261 14.54 20.79 -16.37
N THR A 262 14.10 19.53 -16.42
CA THR A 262 13.74 18.82 -15.21
C THR A 262 15.03 18.27 -14.58
N PHE A 263 16.15 18.51 -15.26
CA PHE A 263 17.47 18.11 -14.79
C PHE A 263 18.03 19.32 -14.05
N LEU A 264 17.84 20.48 -14.64
CA LEU A 264 18.29 21.72 -14.05
C LEU A 264 17.48 21.94 -12.78
N ASP A 265 16.21 21.56 -12.84
CA ASP A 265 15.31 21.73 -11.71
C ASP A 265 15.69 20.87 -10.52
N ALA A 266 16.60 19.92 -10.72
CA ALA A 266 17.00 19.07 -9.62
C ALA A 266 18.50 19.14 -9.31
N PHE A 267 19.28 19.68 -10.25
CA PHE A 267 20.72 19.80 -10.05
C PHE A 267 21.23 21.23 -10.17
N ASP A 268 20.37 22.18 -10.49
CA ASP A 268 20.80 23.57 -10.60
C ASP A 268 20.37 24.46 -9.44
N PRO A 269 21.35 24.90 -8.62
CA PRO A 269 21.19 25.76 -7.43
C PRO A 269 20.60 27.17 -7.60
N ASP A 270 20.73 27.76 -8.77
CA ASP A 270 20.20 29.11 -8.99
C ASP A 270 18.83 29.13 -9.69
N PRO A 271 17.74 28.91 -8.95
CA PRO A 271 16.40 28.90 -9.59
C PRO A 271 16.04 30.13 -10.42
N ALA A 272 16.53 31.31 -10.01
CA ALA A 272 16.28 32.55 -10.75
C ALA A 272 16.87 32.35 -12.14
N ARG A 273 18.06 31.75 -12.16
CA ARG A 273 18.80 31.43 -13.38
C ARG A 273 18.01 30.42 -14.21
N VAL A 274 17.46 29.41 -13.55
CA VAL A 274 16.65 28.39 -14.24
C VAL A 274 15.41 29.02 -14.89
N GLN A 275 14.50 29.52 -14.06
CA GLN A 275 13.29 30.14 -14.55
C GLN A 275 13.64 31.15 -15.65
N ALA A 276 14.93 31.50 -15.75
CA ALA A 276 15.40 32.43 -16.77
C ALA A 276 15.33 31.73 -18.12
N LEU A 277 16.18 30.72 -18.30
CA LEU A 277 16.20 29.96 -19.55
C LEU A 277 14.79 29.51 -19.93
N LYS A 278 13.96 29.27 -18.92
CA LYS A 278 12.58 28.84 -19.12
C LYS A 278 11.79 29.90 -19.89
N ASP A 279 12.17 31.17 -19.72
CA ASP A 279 11.54 32.28 -20.42
C ASP A 279 12.06 32.26 -21.86
N GLN A 280 13.34 32.60 -22.03
CA GLN A 280 13.99 32.64 -23.35
C GLN A 280 13.65 31.43 -24.24
N TYR A 281 13.65 30.24 -23.64
CA TYR A 281 13.38 29.01 -24.38
C TYR A 281 11.96 28.92 -24.92
N ARG A 282 11.05 29.61 -24.26
CA ARG A 282 9.66 29.59 -24.69
C ARG A 282 9.58 30.66 -25.78
N ALA A 283 10.51 31.61 -25.68
CA ALA A 283 10.61 32.71 -26.63
C ALA A 283 11.28 32.22 -27.91
N GLY A 284 12.61 32.31 -27.98
CA GLY A 284 13.32 31.86 -29.15
C GLY A 284 14.64 32.54 -29.40
N GLY A 285 15.62 32.21 -28.56
CA GLY A 285 16.95 32.80 -28.68
C GLY A 285 17.86 32.08 -27.71
N LEU A 286 17.37 30.93 -27.29
CA LEU A 286 18.07 30.07 -26.36
C LEU A 286 18.13 28.72 -27.07
N GLY A 287 19.26 28.43 -27.70
CA GLY A 287 19.40 27.17 -28.41
C GLY A 287 19.63 25.99 -27.49
N ASP A 288 18.92 24.90 -27.74
CA ASP A 288 19.03 23.70 -26.91
C ASP A 288 20.48 23.36 -26.58
N VAL A 289 21.42 23.77 -27.43
CA VAL A 289 22.85 23.52 -27.20
C VAL A 289 23.30 24.31 -25.97
N LYS A 290 22.96 25.60 -25.96
CA LYS A 290 23.27 26.51 -24.85
C LYS A 290 22.63 25.98 -23.55
N VAL A 291 21.39 25.49 -23.63
CA VAL A 291 20.74 24.93 -22.44
C VAL A 291 21.63 23.77 -22.02
N LYS A 292 21.84 22.83 -22.93
CA LYS A 292 22.69 21.68 -22.64
C LYS A 292 24.06 22.08 -22.07
N LYS A 293 24.83 22.83 -22.85
CA LYS A 293 26.16 23.29 -22.42
C LYS A 293 26.15 23.75 -20.98
N HIS A 294 25.15 24.55 -20.63
CA HIS A 294 25.05 25.03 -19.27
C HIS A 294 24.97 23.79 -18.38
N LEU A 295 23.79 23.18 -18.38
CA LEU A 295 23.52 21.98 -17.59
C LEU A 295 24.67 21.00 -17.48
N ILE A 296 25.39 20.75 -18.57
CA ILE A 296 26.50 19.78 -18.47
C ILE A 296 27.48 20.18 -17.37
N ASP A 297 27.70 21.47 -17.22
CA ASP A 297 28.62 21.94 -16.20
C ASP A 297 27.91 21.92 -14.83
N VAL A 298 26.61 22.17 -14.79
CA VAL A 298 25.91 22.15 -13.52
C VAL A 298 26.02 20.74 -12.94
N LEU A 299 26.27 19.76 -13.81
CA LEU A 299 26.43 18.37 -13.41
C LEU A 299 27.86 18.06 -13.06
N ASN A 300 28.78 18.64 -13.82
CA ASN A 300 30.18 18.42 -13.54
C ASN A 300 30.48 19.04 -12.19
N GLY A 301 29.76 20.12 -11.90
CA GLY A 301 29.92 20.82 -10.63
C GLY A 301 29.41 20.01 -9.45
N VAL A 302 28.23 19.43 -9.60
CA VAL A 302 27.69 18.62 -8.52
C VAL A 302 28.52 17.33 -8.42
N LEU A 303 29.11 16.88 -9.53
CA LEU A 303 29.89 15.64 -9.52
C LEU A 303 31.36 15.74 -9.19
N ALA A 304 31.97 16.87 -9.54
CA ALA A 304 33.39 17.08 -9.30
C ALA A 304 33.89 16.44 -8.01
N PRO A 305 33.35 16.85 -6.85
CA PRO A 305 33.84 16.25 -5.62
C PRO A 305 33.67 14.73 -5.57
N ILE A 306 32.49 14.25 -5.93
CA ILE A 306 32.23 12.82 -5.90
C ILE A 306 33.31 12.04 -6.66
N ARG A 307 33.80 12.60 -7.76
CA ARG A 307 34.82 11.90 -8.53
C ARG A 307 36.10 11.72 -7.72
N THR A 308 36.57 12.82 -7.14
CA THR A 308 37.80 12.85 -6.33
C THR A 308 37.72 11.92 -5.12
N ARG A 309 36.54 11.90 -4.49
CA ARG A 309 36.31 11.07 -3.31
C ARG A 309 36.40 9.60 -3.71
N ARG A 310 35.87 9.28 -4.89
CA ARG A 310 35.88 7.92 -5.37
C ARG A 310 37.30 7.40 -5.58
N ALA A 311 38.15 8.23 -6.18
CA ALA A 311 39.54 7.86 -6.43
C ALA A 311 40.24 7.49 -5.14
N GLU A 312 40.02 8.32 -4.12
CA GLU A 312 40.60 8.09 -2.82
C GLU A 312 40.26 6.67 -2.37
N TYR A 313 38.96 6.40 -2.23
CA TYR A 313 38.52 5.07 -1.80
C TYR A 313 38.99 3.97 -2.74
N GLU A 314 38.89 4.19 -4.05
CA GLU A 314 39.37 3.20 -5.03
C GLU A 314 40.82 2.81 -4.71
N ARG A 315 41.57 3.75 -4.13
CA ARG A 315 42.97 3.49 -3.79
C ARG A 315 43.12 2.89 -2.40
N ASP A 316 42.02 2.82 -1.66
CA ASP A 316 41.97 2.25 -0.31
C ASP A 316 40.78 1.29 -0.30
N PRO A 317 40.80 0.29 -1.20
CA PRO A 317 39.71 -0.69 -1.29
C PRO A 317 39.45 -1.37 0.04
N ASP A 318 40.52 -1.53 0.81
CA ASP A 318 40.48 -2.12 2.14
C ASP A 318 39.46 -1.37 3.00
N ALA A 319 39.38 -0.06 2.79
CA ALA A 319 38.46 0.78 3.53
C ALA A 319 37.00 0.58 3.11
N VAL A 320 36.75 0.21 1.85
CA VAL A 320 35.37 0.00 1.43
C VAL A 320 34.86 -1.29 2.04
N LEU A 321 35.72 -2.29 2.06
CA LEU A 321 35.39 -3.58 2.62
C LEU A 321 35.09 -3.35 4.10
N ARG A 322 35.89 -2.48 4.71
CA ARG A 322 35.74 -2.14 6.12
C ARG A 322 34.33 -1.59 6.39
N PHE A 323 33.94 -0.61 5.58
CA PHE A 323 32.64 0.07 5.66
C PHE A 323 31.47 -0.91 5.67
N VAL A 324 31.57 -1.92 4.81
CA VAL A 324 30.57 -2.95 4.67
C VAL A 324 30.62 -3.90 5.85
N THR A 325 31.78 -4.50 6.07
CA THR A 325 31.94 -5.44 7.18
C THR A 325 31.57 -4.90 8.56
N GLU A 326 32.07 -3.72 8.91
CA GLU A 326 31.78 -3.13 10.21
C GLU A 326 30.29 -2.79 10.38
N GLY A 327 29.71 -2.20 9.34
CA GLY A 327 28.31 -1.84 9.41
C GLY A 327 27.38 -3.03 9.47
N THR A 328 27.69 -4.06 8.70
CA THR A 328 26.87 -5.27 8.66
C THR A 328 26.85 -5.89 10.03
N ALA A 329 27.99 -5.84 10.71
CA ALA A 329 28.05 -6.40 12.04
C ALA A 329 27.11 -5.58 12.93
N ARG A 330 27.32 -4.27 12.94
CA ARG A 330 26.52 -3.36 13.76
C ARG A 330 25.03 -3.58 13.58
N GLY A 331 24.63 -3.67 12.31
CA GLY A 331 23.24 -3.86 11.96
C GLY A 331 22.71 -5.23 12.31
N ARG A 332 23.50 -6.28 12.15
CA ARG A 332 23.00 -7.58 12.53
C ARG A 332 22.70 -7.48 14.03
N GLU A 333 23.59 -6.81 14.75
CA GLU A 333 23.44 -6.61 16.18
C GLU A 333 22.03 -6.08 16.43
N VAL A 334 21.66 -5.06 15.69
CA VAL A 334 20.34 -4.48 15.85
C VAL A 334 19.21 -5.44 15.46
N ALA A 335 19.38 -6.16 14.37
CA ALA A 335 18.35 -7.10 13.93
C ALA A 335 18.17 -8.17 15.01
N ALA A 336 19.28 -8.72 15.47
CA ALA A 336 19.26 -9.76 16.49
C ALA A 336 18.49 -9.34 17.75
N GLN A 337 18.65 -8.09 18.17
CA GLN A 337 17.95 -7.57 19.34
C GLN A 337 16.45 -7.55 19.08
N THR A 338 16.05 -7.05 17.91
CA THR A 338 14.62 -6.99 17.62
C THR A 338 13.98 -8.37 17.47
N LEU A 339 14.67 -9.29 16.80
CA LEU A 339 14.14 -10.64 16.64
C LEU A 339 13.90 -11.35 17.99
N GLY A 340 14.83 -11.14 18.94
CA GLY A 340 14.70 -11.70 20.27
C GLY A 340 13.36 -11.23 20.81
N GLN A 341 13.11 -9.93 20.71
CA GLN A 341 11.83 -9.39 21.14
C GLN A 341 10.65 -9.98 20.34
N VAL A 342 10.82 -10.15 19.01
CA VAL A 342 9.76 -10.71 18.12
C VAL A 342 9.46 -12.18 18.47
N ARG A 343 10.52 -13.01 18.61
CA ARG A 343 10.33 -14.39 18.96
C ARG A 343 9.60 -14.62 20.31
N ARG A 344 9.94 -13.85 21.35
CA ARG A 344 9.27 -13.91 22.70
C ARG A 344 7.83 -13.35 22.61
N ALA A 345 7.64 -12.25 21.87
CA ALA A 345 6.30 -11.70 21.69
C ALA A 345 5.40 -12.70 20.96
N MET A 346 6.00 -13.54 20.11
CA MET A 346 5.22 -14.53 19.38
C MET A 346 5.02 -15.81 20.16
N ARG A 347 5.67 -15.88 21.31
CA ARG A 347 5.57 -17.07 22.17
C ARG A 347 6.11 -18.31 21.40
N LEU A 348 7.26 -18.16 20.71
CA LEU A 348 7.91 -19.29 20.01
C LEU A 348 8.55 -20.12 21.10
N PHE A 349 8.48 -21.43 20.97
CA PHE A 349 9.08 -22.32 21.96
C PHE A 349 10.49 -21.91 22.38
N GLY A 350 10.75 -21.88 23.69
CA GLY A 350 12.07 -21.52 24.16
C GLY A 350 12.28 -20.13 24.75
N HIS A 351 11.35 -19.21 24.51
CA HIS A 351 11.50 -17.86 25.04
C HIS A 351 10.18 -17.17 25.31
N ALA B 21 -11.59 54.78 -9.11
CA ALA B 21 -12.11 54.28 -7.80
C ALA B 21 -11.09 53.36 -7.14
N ARG B 22 -11.05 53.40 -5.80
CA ARG B 22 -10.10 52.58 -5.05
C ARG B 22 -10.65 51.63 -3.97
N PRO B 23 -11.90 51.16 -4.09
CA PRO B 23 -12.34 50.26 -3.02
C PRO B 23 -11.84 48.84 -3.32
N ARG B 24 -11.26 48.12 -2.36
CA ARG B 24 -10.76 46.76 -2.55
C ARG B 24 -11.89 45.75 -2.37
N VAL B 25 -12.24 45.01 -3.42
CA VAL B 25 -13.33 44.02 -3.32
C VAL B 25 -12.76 42.62 -3.25
N LEU B 26 -13.35 41.79 -2.38
CA LEU B 26 -12.91 40.40 -2.23
C LEU B 26 -14.02 39.39 -2.52
N THR B 27 -13.71 38.43 -3.39
CA THR B 27 -14.66 37.40 -3.82
C THR B 27 -13.89 36.08 -3.98
N GLY B 28 -14.60 34.96 -3.95
CA GLY B 28 -13.93 33.68 -4.13
C GLY B 28 -14.89 32.53 -4.27
N ASP B 29 -14.35 31.33 -4.43
CA ASP B 29 -15.14 30.11 -4.55
C ASP B 29 -14.31 28.98 -3.97
N ARG B 30 -14.98 27.93 -3.47
CA ARG B 30 -14.26 26.78 -2.93
C ARG B 30 -13.98 25.90 -4.14
N PRO B 31 -12.72 25.88 -4.60
CA PRO B 31 -12.38 25.06 -5.77
C PRO B 31 -12.82 23.62 -5.62
N THR B 32 -14.06 23.35 -6.00
CA THR B 32 -14.65 22.02 -5.91
C THR B 32 -14.91 21.43 -7.28
N GLY B 33 -14.59 22.19 -8.32
CA GLY B 33 -14.80 21.70 -9.68
C GLY B 33 -15.05 22.90 -10.54
N ALA B 34 -14.99 22.73 -11.85
CA ALA B 34 -15.22 23.82 -12.80
C ALA B 34 -16.62 24.42 -12.54
N LEU B 35 -16.81 25.67 -12.92
CA LEU B 35 -18.10 26.32 -12.67
C LEU B 35 -19.10 26.35 -13.83
N HIS B 36 -20.34 26.67 -13.49
CA HIS B 36 -21.43 26.67 -14.45
C HIS B 36 -22.23 27.97 -14.51
N LEU B 37 -23.01 28.08 -15.58
CA LEU B 37 -23.89 29.23 -15.81
C LEU B 37 -24.43 29.86 -14.54
N GLY B 38 -24.73 29.04 -13.54
CA GLY B 38 -25.25 29.55 -12.28
C GLY B 38 -24.34 30.57 -11.64
N HIS B 39 -23.05 30.30 -11.67
CA HIS B 39 -22.01 31.16 -11.11
C HIS B 39 -21.86 32.37 -12.04
N LEU B 40 -21.98 32.12 -13.34
CA LEU B 40 -21.90 33.21 -14.30
C LEU B 40 -23.17 34.04 -14.13
N ALA B 41 -24.30 33.36 -14.23
CA ALA B 41 -25.61 33.99 -14.10
C ALA B 41 -25.61 34.99 -12.97
N GLY B 42 -24.86 34.68 -11.91
CA GLY B 42 -24.82 35.58 -10.77
C GLY B 42 -23.53 36.36 -10.53
N SER B 43 -22.64 35.76 -9.75
CA SER B 43 -21.37 36.38 -9.37
C SER B 43 -20.33 36.66 -10.45
N LEU B 44 -20.10 35.69 -11.32
CA LEU B 44 -19.07 35.81 -12.36
C LEU B 44 -19.11 37.01 -13.30
N GLN B 45 -20.29 37.55 -13.61
CA GLN B 45 -20.31 38.71 -14.51
C GLN B 45 -20.12 40.01 -13.75
N ASN B 46 -20.59 40.02 -12.51
CA ASN B 46 -20.45 41.19 -11.63
C ASN B 46 -18.96 41.44 -11.44
N ARG B 47 -18.19 40.38 -11.22
CA ARG B 47 -16.75 40.52 -11.03
C ARG B 47 -16.13 41.09 -12.30
N VAL B 48 -16.73 40.74 -13.42
CA VAL B 48 -16.29 41.24 -14.71
C VAL B 48 -16.59 42.74 -14.68
N ARG B 49 -17.67 43.10 -13.98
CA ARG B 49 -18.08 44.50 -13.84
C ARG B 49 -17.17 45.12 -12.78
N LEU B 50 -17.20 44.57 -11.58
CA LEU B 50 -16.37 45.06 -10.49
C LEU B 50 -14.92 45.15 -10.90
N GLN B 51 -14.50 44.27 -11.81
CA GLN B 51 -13.11 44.26 -12.25
C GLN B 51 -12.54 45.65 -12.42
N ASP B 52 -13.05 46.35 -13.44
CA ASP B 52 -12.61 47.70 -13.79
C ASP B 52 -13.03 48.84 -12.86
N GLU B 53 -14.14 48.69 -12.15
CA GLU B 53 -14.61 49.73 -11.22
C GLU B 53 -13.87 49.69 -9.88
N ALA B 54 -12.92 48.78 -9.74
CA ALA B 54 -12.20 48.67 -8.48
C ALA B 54 -11.01 47.72 -8.58
N GLU B 55 -10.36 47.46 -7.44
CA GLU B 55 -9.25 46.51 -7.38
C GLU B 55 -9.96 45.22 -6.98
N LEU B 56 -9.96 44.24 -7.88
CA LEU B 56 -10.63 42.98 -7.61
C LEU B 56 -9.67 41.95 -7.09
N PHE B 57 -10.11 41.24 -6.06
CA PHE B 57 -9.35 40.18 -5.44
C PHE B 57 -10.26 38.97 -5.41
N VAL B 58 -9.80 37.87 -5.97
CA VAL B 58 -10.62 36.67 -5.99
C VAL B 58 -9.84 35.53 -5.36
N LEU B 59 -10.33 35.08 -4.21
CA LEU B 59 -9.67 34.00 -3.49
C LEU B 59 -10.17 32.64 -3.94
N LEU B 60 -9.23 31.73 -4.13
CA LEU B 60 -9.55 30.36 -4.48
C LEU B 60 -9.57 29.62 -3.13
N ALA B 61 -10.58 29.90 -2.30
CA ALA B 61 -10.73 29.30 -0.98
C ALA B 61 -10.30 27.84 -0.89
N ASP B 62 -9.00 27.66 -1.03
CA ASP B 62 -8.32 26.38 -1.02
C ASP B 62 -8.56 25.60 0.30
N VAL B 63 -8.26 26.23 1.43
CA VAL B 63 -8.44 25.53 2.71
C VAL B 63 -9.90 25.46 3.12
N GLN B 64 -10.67 26.52 2.87
CA GLN B 64 -12.09 26.55 3.23
C GLN B 64 -12.79 25.37 2.59
N ALA B 65 -12.32 25.04 1.38
CA ALA B 65 -12.89 23.94 0.62
C ALA B 65 -12.58 22.58 1.23
N LEU B 66 -11.53 22.51 2.02
CA LEU B 66 -11.16 21.23 2.64
C LEU B 66 -11.98 20.97 3.87
N THR B 67 -12.50 22.03 4.48
CA THR B 67 -13.31 21.87 5.68
C THR B 67 -14.41 20.87 5.37
N ASP B 68 -14.82 20.85 4.10
CA ASP B 68 -15.85 19.96 3.61
C ASP B 68 -15.30 18.73 2.89
N HIS B 69 -14.26 18.91 2.07
CA HIS B 69 -13.68 17.80 1.32
C HIS B 69 -12.29 17.35 1.80
N PHE B 70 -12.00 17.55 3.09
CA PHE B 70 -10.71 17.16 3.64
C PHE B 70 -10.35 15.72 3.26
N ASP B 71 -11.36 14.89 3.08
CA ASP B 71 -11.19 13.47 2.74
C ASP B 71 -10.95 13.17 1.26
N ARG B 72 -11.08 14.20 0.42
CA ARG B 72 -10.86 14.04 -1.01
C ARG B 72 -9.85 15.07 -1.52
N PRO B 73 -8.66 15.14 -0.89
CA PRO B 73 -7.60 16.08 -1.25
C PRO B 73 -7.32 16.42 -2.72
N GLU B 74 -6.72 15.51 -3.47
CA GLU B 74 -6.39 15.83 -4.86
C GLU B 74 -7.51 16.42 -5.72
N GLN B 75 -8.76 16.31 -5.29
CA GLN B 75 -9.85 16.88 -6.06
C GLN B 75 -9.86 18.40 -5.95
N VAL B 76 -9.54 18.90 -4.76
CA VAL B 76 -9.50 20.33 -4.53
C VAL B 76 -8.28 20.85 -5.28
N ARG B 77 -7.18 20.13 -5.17
CA ARG B 77 -5.95 20.53 -5.83
C ARG B 77 -6.24 20.89 -7.28
N GLU B 78 -6.59 19.89 -8.06
CA GLU B 78 -6.85 20.09 -9.47
C GLU B 78 -7.89 21.15 -9.83
N ASN B 79 -8.92 21.27 -9.01
CA ASN B 79 -9.93 22.27 -9.30
C ASN B 79 -9.41 23.67 -9.07
N VAL B 80 -8.28 23.79 -8.37
CA VAL B 80 -7.70 25.10 -8.18
C VAL B 80 -7.52 25.72 -9.57
N LEU B 81 -6.64 25.10 -10.35
CA LEU B 81 -6.32 25.55 -11.71
C LEU B 81 -7.51 25.47 -12.65
N ALA B 82 -8.44 24.59 -12.33
CA ALA B 82 -9.63 24.40 -13.13
C ALA B 82 -10.56 25.60 -13.01
N VAL B 83 -10.73 26.09 -11.79
CA VAL B 83 -11.59 27.25 -11.55
C VAL B 83 -10.94 28.50 -12.12
N ALA B 84 -9.62 28.57 -12.04
CA ALA B 84 -8.91 29.72 -12.58
C ALA B 84 -9.37 29.85 -14.02
N LEU B 85 -9.22 28.75 -14.76
CA LEU B 85 -9.63 28.68 -16.15
C LEU B 85 -11.03 29.33 -16.33
N ASP B 86 -12.00 28.85 -15.57
CA ASP B 86 -13.37 29.38 -15.62
C ASP B 86 -13.47 30.90 -15.35
N TYR B 87 -12.44 31.49 -14.75
CA TYR B 87 -12.43 32.93 -14.46
C TYR B 87 -11.95 33.62 -15.73
N LEU B 88 -10.79 33.20 -16.20
CA LEU B 88 -10.22 33.79 -17.40
C LEU B 88 -11.24 33.65 -18.52
N ALA B 89 -11.87 32.48 -18.61
CA ALA B 89 -12.85 32.22 -19.65
C ALA B 89 -14.03 33.16 -19.63
N ALA B 90 -14.43 33.61 -18.44
CA ALA B 90 -15.59 34.49 -18.33
C ALA B 90 -15.28 35.99 -18.50
N GLY B 91 -14.01 36.35 -18.56
CA GLY B 91 -13.67 37.75 -18.76
C GLY B 91 -12.65 38.35 -17.82
N LEU B 92 -12.40 37.74 -16.68
CA LEU B 92 -11.43 38.31 -15.75
C LEU B 92 -10.02 38.38 -16.37
N ASP B 93 -9.51 39.61 -16.52
CA ASP B 93 -8.19 39.85 -17.09
C ASP B 93 -7.08 39.70 -16.06
N PRO B 94 -6.01 38.98 -16.43
CA PRO B 94 -4.89 38.76 -15.54
C PRO B 94 -4.25 40.09 -15.12
N GLN B 95 -4.57 41.14 -15.87
CA GLN B 95 -4.02 42.45 -15.60
C GLN B 95 -4.89 43.31 -14.70
N LYS B 96 -6.11 42.86 -14.44
CA LYS B 96 -7.02 43.64 -13.59
C LYS B 96 -7.48 42.90 -12.34
N THR B 97 -7.26 41.59 -12.30
CA THR B 97 -7.71 40.83 -11.14
C THR B 97 -6.57 40.16 -10.40
N THR B 98 -6.75 39.97 -9.09
CA THR B 98 -5.76 39.32 -8.24
C THR B 98 -6.28 37.97 -7.74
N CYS B 99 -5.90 36.92 -8.45
CA CYS B 99 -6.29 35.57 -8.12
C CYS B 99 -5.40 35.08 -6.99
N VAL B 100 -5.98 34.65 -5.88
CA VAL B 100 -5.16 34.19 -4.77
C VAL B 100 -5.46 32.76 -4.32
N VAL B 101 -4.41 31.96 -4.19
CA VAL B 101 -4.56 30.57 -3.74
C VAL B 101 -4.52 30.58 -2.20
N GLN B 102 -5.68 30.45 -1.57
CA GLN B 102 -5.78 30.49 -0.10
C GLN B 102 -4.69 29.76 0.69
N SER B 103 -4.52 28.48 0.39
CA SER B 103 -3.52 27.68 1.07
C SER B 103 -2.14 28.32 0.93
N ALA B 104 -1.97 29.02 -0.19
CA ALA B 104 -0.72 29.70 -0.51
C ALA B 104 -0.34 30.78 0.47
N VAL B 105 -1.32 31.28 1.21
CA VAL B 105 -1.04 32.36 2.13
C VAL B 105 -1.46 31.95 3.54
N PRO B 106 -0.52 31.33 4.26
CA PRO B 106 -0.66 30.83 5.63
C PRO B 106 -1.03 31.91 6.65
N GLU B 107 -0.72 33.17 6.33
CA GLU B 107 -1.03 34.28 7.23
C GLU B 107 -2.53 34.29 7.51
N LEU B 108 -3.30 33.76 6.55
CA LEU B 108 -4.74 33.67 6.69
C LEU B 108 -5.08 32.80 7.90
N ALA B 109 -4.41 31.65 8.01
CA ALA B 109 -4.66 30.76 9.14
C ALA B 109 -4.24 31.42 10.44
N GLU B 110 -3.08 32.07 10.44
CA GLU B 110 -2.61 32.73 11.65
C GLU B 110 -3.66 33.73 12.13
N LEU B 111 -4.27 34.44 11.20
CA LEU B 111 -5.28 35.40 11.58
C LEU B 111 -6.55 34.72 12.07
N THR B 112 -6.95 33.63 11.42
CA THR B 112 -8.17 32.94 11.83
C THR B 112 -8.08 32.46 13.27
N VAL B 113 -6.91 32.02 13.71
CA VAL B 113 -6.78 31.55 15.09
C VAL B 113 -7.01 32.71 16.03
N TYR B 114 -6.44 33.86 15.73
CA TYR B 114 -6.65 35.02 16.58
C TYR B 114 -8.13 35.37 16.60
N PHE B 115 -8.76 35.39 15.43
CA PHE B 115 -10.18 35.71 15.38
C PHE B 115 -11.03 34.72 16.16
N LEU B 116 -10.51 33.51 16.36
CA LEU B 116 -11.26 32.49 17.09
C LEU B 116 -11.59 32.85 18.53
N ASN B 117 -10.86 33.81 19.08
CA ASN B 117 -11.11 34.23 20.47
C ASN B 117 -12.09 35.41 20.47
N LEU B 118 -12.38 35.96 19.29
CA LEU B 118 -13.28 37.10 19.20
C LEU B 118 -14.74 36.76 18.94
N VAL B 119 -15.06 35.48 18.96
CA VAL B 119 -16.43 35.03 18.72
C VAL B 119 -16.72 33.81 19.61
N THR B 120 -18.00 33.54 19.83
CA THR B 120 -18.39 32.43 20.69
C THR B 120 -19.05 31.29 19.93
N VAL B 121 -18.92 30.08 20.46
CA VAL B 121 -19.53 28.91 19.84
C VAL B 121 -21.02 29.20 19.77
N SER B 122 -21.46 30.04 20.69
CA SER B 122 -22.84 30.47 20.75
C SER B 122 -23.19 31.22 19.46
N HIS B 123 -22.67 32.43 19.31
CA HIS B 123 -22.94 33.23 18.12
C HIS B 123 -22.64 32.39 16.86
N LEU B 124 -21.81 31.35 17.01
CA LEU B 124 -21.43 30.46 15.91
C LEU B 124 -22.43 29.33 15.66
N ARG B 125 -22.94 28.73 16.74
CA ARG B 125 -23.91 27.63 16.66
C ARG B 125 -25.22 28.23 16.15
N GLN B 126 -25.28 29.55 16.23
CA GLN B 126 -26.48 30.30 15.85
C GLN B 126 -26.50 30.85 14.43
N ASN B 127 -25.42 30.61 13.68
CA ASN B 127 -25.40 31.12 12.32
C ASN B 127 -26.48 30.41 11.52
N PRO B 128 -27.31 31.18 10.79
CA PRO B 128 -28.43 30.71 9.96
C PRO B 128 -28.06 29.81 8.79
N THR B 129 -27.06 30.25 8.04
CA THR B 129 -26.58 29.50 6.88
C THR B 129 -25.88 28.21 7.29
N VAL B 130 -24.74 28.37 7.98
CA VAL B 130 -23.93 27.25 8.45
C VAL B 130 -24.79 26.12 9.06
N LYS B 131 -25.72 26.47 9.95
CA LYS B 131 -26.60 25.48 10.58
C LYS B 131 -27.45 24.81 9.51
N ALA B 132 -27.79 25.58 8.47
CA ALA B 132 -28.60 25.11 7.35
C ALA B 132 -27.82 24.16 6.45
N GLU B 133 -26.54 24.45 6.28
CA GLU B 133 -25.68 23.63 5.45
C GLU B 133 -25.32 22.36 6.22
N ILE B 134 -25.39 22.45 7.55
CA ILE B 134 -25.08 21.31 8.43
C ILE B 134 -26.10 20.17 8.35
N ALA B 135 -27.38 20.52 8.42
CA ALA B 135 -28.51 19.58 8.39
C ALA B 135 -28.64 18.91 7.04
N GLN B 136 -28.29 19.69 6.03
CA GLN B 136 -28.32 19.28 4.65
C GLN B 136 -27.12 18.41 4.31
N LYS B 137 -26.40 17.97 5.33
CA LYS B 137 -25.25 17.12 5.13
C LYS B 137 -25.28 16.08 6.22
N GLY B 138 -26.33 16.17 7.02
CA GLY B 138 -26.55 15.25 8.11
C GLY B 138 -25.35 15.05 9.00
N TYR B 139 -24.77 16.14 9.47
CA TYR B 139 -23.64 16.01 10.37
C TYR B 139 -24.22 15.76 11.76
N GLY B 140 -25.36 16.37 12.05
CA GLY B 140 -25.94 16.22 13.36
C GLY B 140 -25.12 17.10 14.29
N GLU B 141 -24.77 16.61 15.48
CA GLU B 141 -23.97 17.45 16.37
C GLU B 141 -22.49 17.21 16.11
N ARG B 142 -22.19 16.10 15.44
CA ARG B 142 -20.82 15.75 15.10
C ARG B 142 -20.44 16.48 13.80
N VAL B 143 -20.45 17.82 13.85
CA VAL B 143 -20.08 18.61 12.68
C VAL B 143 -18.56 18.79 12.70
N PRO B 144 -17.93 18.95 11.53
CA PRO B 144 -16.48 19.13 11.46
C PRO B 144 -16.10 20.51 11.98
N ALA B 145 -15.33 20.53 13.05
CA ALA B 145 -14.93 21.78 13.67
C ALA B 145 -14.52 22.86 12.68
N GLY B 146 -13.63 22.52 11.74
CA GLY B 146 -13.19 23.49 10.76
C GLY B 146 -14.34 24.00 9.92
N PHE B 147 -15.36 23.18 9.77
CA PHE B 147 -16.51 23.59 9.00
C PHE B 147 -17.33 24.52 9.87
N PHE B 148 -17.49 24.12 11.12
CA PHE B 148 -18.26 24.89 12.10
C PHE B 148 -17.70 26.29 12.26
N VAL B 149 -16.42 26.44 11.96
CA VAL B 149 -15.78 27.71 12.16
C VAL B 149 -15.47 28.44 10.87
N TYR B 150 -15.80 27.83 9.73
CA TYR B 150 -15.50 28.45 8.45
C TYR B 150 -15.85 29.94 8.35
N PRO B 151 -16.95 30.39 8.97
CA PRO B 151 -17.28 31.82 8.88
C PRO B 151 -16.15 32.73 9.39
N VAL B 152 -15.39 32.28 10.37
CA VAL B 152 -14.32 33.13 10.89
C VAL B 152 -13.03 33.07 10.06
N SER B 153 -12.77 31.98 9.36
CA SER B 153 -11.58 31.94 8.50
C SER B 153 -11.90 32.84 7.30
N GLN B 154 -13.19 33.07 7.07
CA GLN B 154 -13.64 33.93 5.99
C GLN B 154 -13.37 35.37 6.39
N ALA B 155 -13.81 35.70 7.61
CA ALA B 155 -13.60 37.04 8.13
C ALA B 155 -12.10 37.28 8.04
N ALA B 156 -11.35 36.25 8.42
CA ALA B 156 -9.90 36.28 8.42
C ALA B 156 -9.32 36.60 7.05
N ASP B 157 -9.98 36.13 6.00
CA ASP B 157 -9.51 36.42 4.65
C ASP B 157 -9.81 37.90 4.38
N ILE B 158 -11.08 38.26 4.53
CA ILE B 158 -11.52 39.63 4.31
C ILE B 158 -10.64 40.64 5.05
N ALA B 159 -10.37 40.37 6.32
CA ALA B 159 -9.57 41.27 7.12
C ALA B 159 -8.12 41.39 6.68
N ALA B 160 -7.50 40.27 6.37
CA ALA B 160 -6.10 40.29 5.98
C ALA B 160 -5.86 40.86 4.59
N PHE B 161 -6.90 40.87 3.77
CA PHE B 161 -6.75 41.38 2.43
C PHE B 161 -7.13 42.85 2.34
N GLY B 162 -7.62 43.38 3.45
CA GLY B 162 -8.02 44.77 3.50
C GLY B 162 -9.21 45.03 2.61
N ALA B 163 -10.16 44.08 2.60
CA ALA B 163 -11.35 44.23 1.78
C ALA B 163 -12.31 45.19 2.46
N THR B 164 -12.73 46.18 1.70
CA THR B 164 -13.65 47.20 2.17
C THR B 164 -15.06 46.99 1.61
N LEU B 165 -15.16 46.29 0.48
CA LEU B 165 -16.46 46.02 -0.13
C LEU B 165 -16.51 44.56 -0.50
N VAL B 166 -17.62 43.90 -0.21
CA VAL B 166 -17.75 42.48 -0.49
C VAL B 166 -19.11 42.05 -1.05
N PRO B 167 -19.11 41.46 -2.27
CA PRO B 167 -20.34 40.99 -2.92
C PRO B 167 -21.00 39.97 -2.00
N VAL B 168 -22.34 39.95 -1.99
CA VAL B 168 -23.05 39.03 -1.10
C VAL B 168 -24.47 38.63 -1.52
N GLY B 169 -24.85 37.40 -1.20
CA GLY B 169 -26.18 36.93 -1.49
C GLY B 169 -26.93 37.12 -0.19
N ASP B 170 -28.15 36.61 -0.08
CA ASP B 170 -28.91 36.76 1.16
C ASP B 170 -28.39 35.86 2.27
N ASP B 171 -27.93 34.68 1.89
CA ASP B 171 -27.40 33.69 2.83
C ASP B 171 -25.94 33.97 3.22
N GLN B 172 -25.43 35.15 2.85
CA GLN B 172 -24.06 35.51 3.17
C GLN B 172 -24.03 36.64 4.21
N LEU B 173 -25.11 37.42 4.31
CA LEU B 173 -25.18 38.51 5.28
C LEU B 173 -24.77 37.98 6.65
N PRO B 174 -25.44 36.92 7.11
CA PRO B 174 -25.10 36.35 8.43
C PRO B 174 -23.62 36.05 8.60
N MET B 175 -22.87 36.09 7.50
CA MET B 175 -21.44 35.84 7.57
C MET B 175 -20.69 37.15 7.46
N LEU B 176 -20.97 37.89 6.40
CA LEU B 176 -20.32 39.18 6.17
C LEU B 176 -20.68 40.10 7.33
N GLU B 177 -21.66 39.69 8.12
CA GLU B 177 -22.09 40.48 9.26
C GLU B 177 -21.33 40.06 10.52
N GLN B 178 -20.91 38.81 10.55
CA GLN B 178 -20.14 38.32 11.67
C GLN B 178 -18.72 38.84 11.47
N THR B 179 -18.36 39.05 10.20
CA THR B 179 -17.05 39.59 9.87
C THR B 179 -16.98 41.02 10.44
N ARG B 180 -17.89 41.89 10.03
CA ARG B 180 -17.88 43.26 10.54
C ARG B 180 -17.84 43.23 12.07
N GLU B 181 -18.53 42.27 12.65
CA GLU B 181 -18.56 42.11 14.10
C GLU B 181 -17.16 41.85 14.66
N ILE B 182 -16.56 40.74 14.26
CA ILE B 182 -15.23 40.37 14.73
C ILE B 182 -14.22 41.50 14.49
N VAL B 183 -14.38 42.23 13.40
CA VAL B 183 -13.47 43.33 13.11
C VAL B 183 -13.60 44.41 14.17
N ARG B 184 -14.85 44.76 14.52
CA ARG B 184 -15.10 45.79 15.53
C ARG B 184 -14.52 45.39 16.87
N ARG B 185 -14.69 44.13 17.20
CA ARG B 185 -14.19 43.59 18.45
C ARG B 185 -12.68 43.67 18.45
N PHE B 186 -12.08 43.45 17.30
CA PHE B 186 -10.63 43.49 17.26
C PHE B 186 -10.12 44.90 17.40
N ASN B 187 -10.66 45.83 16.62
CA ASN B 187 -10.21 47.20 16.74
C ASN B 187 -10.48 47.72 18.12
N ALA B 188 -11.54 47.22 18.75
CA ALA B 188 -11.89 47.66 20.09
C ALA B 188 -10.97 47.06 21.15
N LEU B 189 -10.56 45.82 20.91
CA LEU B 189 -9.70 45.10 21.83
C LEU B 189 -8.23 45.49 21.64
N TYR B 190 -7.85 45.75 20.40
CA TYR B 190 -6.48 46.14 20.07
C TYR B 190 -6.47 47.26 19.03
N ALA B 191 -5.39 48.03 18.98
CA ALA B 191 -5.27 49.10 18.01
C ALA B 191 -6.17 48.89 16.79
N PRO B 192 -7.02 49.87 16.46
CA PRO B 192 -7.95 49.80 15.32
C PRO B 192 -7.27 49.74 13.98
N VAL B 193 -6.57 48.65 13.69
CA VAL B 193 -5.87 48.56 12.42
C VAL B 193 -6.65 47.90 11.28
N LEU B 194 -7.72 47.19 11.60
CA LEU B 194 -8.52 46.53 10.58
C LEU B 194 -9.66 47.42 10.08
N ALA B 195 -10.09 47.20 8.85
CA ALA B 195 -11.15 47.99 8.25
C ALA B 195 -12.48 47.23 8.21
N GLU B 196 -13.58 47.96 8.44
CA GLU B 196 -14.90 47.34 8.40
C GLU B 196 -15.33 47.17 6.95
N PRO B 197 -15.73 45.94 6.57
CA PRO B 197 -16.13 45.73 5.19
C PRO B 197 -17.62 45.96 4.99
N GLN B 198 -17.97 46.52 3.84
CA GLN B 198 -19.37 46.77 3.52
C GLN B 198 -19.79 45.72 2.50
N ALA B 199 -21.09 45.46 2.47
CA ALA B 199 -21.63 44.46 1.57
C ALA B 199 -22.13 45.04 0.26
N GLN B 200 -22.30 44.14 -0.71
CA GLN B 200 -22.83 44.48 -2.02
C GLN B 200 -23.84 43.36 -2.20
N LEU B 201 -25.10 43.66 -1.93
CA LEU B 201 -26.17 42.66 -2.01
C LEU B 201 -26.72 42.34 -3.41
N SER B 202 -27.39 41.19 -3.50
CA SER B 202 -28.05 40.67 -4.69
C SER B 202 -29.29 39.99 -4.12
N ARG B 203 -30.45 40.64 -4.24
CA ARG B 203 -31.68 40.10 -3.68
C ARG B 203 -32.19 38.87 -4.43
N VAL B 204 -32.26 38.95 -5.76
CA VAL B 204 -32.74 37.82 -6.55
C VAL B 204 -31.72 37.29 -7.57
N PRO B 205 -30.61 36.68 -7.09
CA PRO B 205 -29.58 36.14 -7.98
C PRO B 205 -29.85 34.65 -8.25
N ARG B 206 -29.99 33.85 -7.19
CA ARG B 206 -30.24 32.42 -7.32
C ARG B 206 -30.77 32.05 -8.70
N LEU B 207 -29.97 31.28 -9.44
CA LEU B 207 -30.36 30.83 -10.77
C LEU B 207 -31.07 29.48 -10.65
N PRO B 208 -32.08 29.24 -11.50
CA PRO B 208 -32.87 28.01 -11.51
C PRO B 208 -32.07 26.75 -11.85
N GLY B 209 -32.80 25.65 -11.99
CA GLY B 209 -32.19 24.39 -12.37
C GLY B 209 -32.73 24.10 -13.75
N LEU B 210 -31.94 23.52 -14.64
CA LEU B 210 -32.46 23.23 -15.97
C LEU B 210 -33.86 22.62 -15.86
N ASP B 211 -34.02 21.70 -14.90
CA ASP B 211 -35.30 21.02 -14.68
C ASP B 211 -36.05 21.42 -13.43
N GLY B 212 -36.11 22.72 -13.17
CA GLY B 212 -36.81 23.22 -12.01
C GLY B 212 -36.06 22.86 -10.75
N GLN B 213 -35.56 21.62 -10.69
CA GLN B 213 -34.81 21.15 -9.54
C GLN B 213 -34.09 22.31 -8.87
N ALA B 214 -34.13 22.34 -7.55
CA ALA B 214 -33.51 23.39 -6.76
C ALA B 214 -32.30 24.02 -7.45
N LYS B 215 -31.41 23.20 -8.02
CA LYS B 215 -30.18 23.73 -8.62
C LYS B 215 -29.69 23.33 -10.01
N MET B 216 -28.36 23.41 -10.11
CA MET B 216 -27.61 23.09 -11.31
C MET B 216 -26.36 22.38 -10.78
N SER B 217 -26.44 21.08 -10.47
CA SER B 217 -25.25 20.36 -9.96
C SER B 217 -24.54 19.50 -11.01
N LYS B 218 -23.22 19.54 -11.01
CA LYS B 218 -22.43 18.77 -11.95
C LYS B 218 -22.87 17.31 -11.92
N SER B 219 -23.36 16.91 -10.75
CA SER B 219 -23.84 15.55 -10.45
C SER B 219 -25.23 15.14 -10.96
N LEU B 220 -26.13 16.11 -11.16
CA LEU B 220 -27.49 15.78 -11.62
C LEU B 220 -27.75 15.82 -13.12
N GLY B 221 -26.70 16.01 -13.91
CA GLY B 221 -26.87 16.09 -15.35
C GLY B 221 -27.82 17.23 -15.61
N ASN B 222 -28.12 17.95 -14.53
CA ASN B 222 -29.00 19.10 -14.55
C ASN B 222 -28.17 20.34 -14.31
N ALA B 223 -27.18 20.52 -15.17
CA ALA B 223 -26.28 21.65 -15.12
C ALA B 223 -25.68 21.83 -16.50
N ILE B 224 -25.16 23.02 -16.74
CA ILE B 224 -24.52 23.34 -17.99
C ILE B 224 -23.31 24.19 -17.62
N ALA B 225 -22.12 23.66 -17.91
CA ALA B 225 -20.86 24.33 -17.61
C ALA B 225 -20.40 25.23 -18.75
N LEU B 226 -19.53 26.17 -18.41
CA LEU B 226 -18.97 27.10 -19.38
C LEU B 226 -18.06 26.38 -20.35
N GLY B 227 -17.95 25.06 -20.18
CA GLY B 227 -17.09 24.28 -21.05
C GLY B 227 -17.80 23.33 -21.99
N ASP B 228 -19.12 23.46 -22.13
CA ASP B 228 -19.88 22.58 -23.00
C ASP B 228 -19.98 23.07 -24.45
N SER B 229 -20.40 22.18 -25.35
CA SER B 229 -20.50 22.56 -26.76
C SER B 229 -21.76 23.29 -27.15
N ALA B 230 -21.61 24.17 -28.13
CA ALA B 230 -22.69 24.97 -28.68
C ALA B 230 -23.85 24.03 -29.02
N ASP B 231 -23.52 22.93 -29.69
CA ASP B 231 -24.51 21.94 -30.08
C ASP B 231 -25.02 21.21 -28.83
N GLU B 232 -24.12 20.95 -27.88
CA GLU B 232 -24.53 20.29 -26.65
C GLU B 232 -25.41 21.20 -25.81
N VAL B 233 -25.34 22.50 -26.08
CA VAL B 233 -26.10 23.51 -25.34
C VAL B 233 -27.49 23.75 -25.96
N ALA B 234 -27.54 24.02 -27.26
CA ALA B 234 -28.83 24.25 -27.94
C ALA B 234 -29.76 23.08 -27.56
N ARG B 235 -29.26 21.86 -27.73
CA ARG B 235 -30.01 20.63 -27.41
C ARG B 235 -30.10 20.37 -25.90
N LYS B 236 -29.36 21.16 -25.14
CA LYS B 236 -29.36 21.08 -23.69
C LYS B 236 -30.62 21.82 -23.27
N VAL B 237 -30.79 22.98 -23.89
CA VAL B 237 -31.95 23.84 -23.67
C VAL B 237 -33.20 23.07 -24.11
N MET B 238 -33.30 22.85 -25.42
CA MET B 238 -34.44 22.16 -26.05
C MET B 238 -35.10 21.11 -25.14
N GLY B 239 -34.29 20.42 -24.33
CA GLY B 239 -34.81 19.43 -23.41
C GLY B 239 -35.04 19.96 -22.00
N MET B 240 -35.14 21.28 -21.88
CA MET B 240 -35.38 21.98 -20.61
C MET B 240 -36.85 22.00 -20.20
N TYR B 241 -37.09 22.21 -18.90
CA TYR B 241 -38.43 22.22 -18.28
C TYR B 241 -39.33 23.49 -18.29
N THR B 242 -40.19 23.66 -19.29
CA THR B 242 -41.08 24.83 -19.33
C THR B 242 -42.26 24.67 -18.36
N ASP B 243 -43.44 24.31 -18.87
CA ASP B 243 -44.60 24.11 -17.99
C ASP B 243 -45.57 23.11 -18.63
N PRO B 244 -46.13 22.20 -17.80
CA PRO B 244 -47.07 21.19 -18.30
C PRO B 244 -48.35 21.79 -18.92
N GLY B 245 -48.69 23.01 -18.49
CA GLY B 245 -49.88 23.69 -18.97
C GLY B 245 -49.83 24.09 -20.43
N HIS B 246 -48.62 24.35 -20.92
CA HIS B 246 -48.48 24.70 -22.33
C HIS B 246 -48.37 23.37 -23.10
N LEU B 247 -49.29 23.18 -24.04
CA LEU B 247 -49.39 21.96 -24.87
C LEU B 247 -49.03 22.24 -26.33
N ARG B 248 -49.48 23.37 -26.85
CA ARG B 248 -49.17 23.78 -28.21
C ARG B 248 -48.85 25.28 -28.11
N ALA B 249 -48.08 25.79 -29.07
CA ALA B 249 -47.64 27.20 -29.12
C ALA B 249 -48.77 28.24 -29.02
N SER B 250 -50.00 27.79 -29.19
CA SER B 250 -51.16 28.68 -29.13
C SER B 250 -51.45 29.16 -27.71
N ASP B 251 -51.69 28.21 -26.81
CA ASP B 251 -52.01 28.52 -25.43
C ASP B 251 -51.18 29.59 -24.76
N PRO B 252 -51.79 30.29 -23.80
CA PRO B 252 -51.12 31.35 -23.05
C PRO B 252 -50.20 30.68 -22.04
N GLY B 253 -48.91 30.95 -22.15
CA GLY B 253 -47.97 30.37 -21.22
C GLY B 253 -47.62 31.37 -20.14
N ARG B 254 -47.28 30.89 -18.94
CA ARG B 254 -46.90 31.78 -17.86
C ARG B 254 -45.41 31.68 -17.53
N VAL B 255 -44.78 32.85 -17.44
CA VAL B 255 -43.34 33.02 -17.15
C VAL B 255 -42.91 32.35 -15.82
N GLU B 256 -43.86 32.29 -14.88
CA GLU B 256 -43.65 31.72 -13.55
C GLU B 256 -43.10 30.29 -13.50
N GLY B 257 -41.87 30.15 -13.00
CA GLY B 257 -41.23 28.86 -12.88
C GLY B 257 -40.46 28.41 -14.10
N ASN B 258 -41.00 28.74 -15.27
CA ASN B 258 -40.40 28.38 -16.55
C ASN B 258 -38.93 28.79 -16.66
N PRO B 259 -38.01 27.88 -16.30
CA PRO B 259 -36.57 28.16 -16.35
C PRO B 259 -36.14 28.88 -17.62
N VAL B 260 -36.76 28.56 -18.75
CA VAL B 260 -36.40 29.22 -20.01
C VAL B 260 -36.50 30.74 -19.87
N PHE B 261 -37.46 31.17 -19.08
CA PHE B 261 -37.68 32.60 -18.85
C PHE B 261 -36.66 33.11 -17.86
N THR B 262 -36.73 32.65 -16.63
CA THR B 262 -35.78 33.08 -15.62
C THR B 262 -34.35 33.00 -16.20
N PHE B 263 -34.17 32.13 -17.20
CA PHE B 263 -32.89 31.93 -17.89
C PHE B 263 -32.72 33.09 -18.90
N LEU B 264 -33.76 33.27 -19.71
CA LEU B 264 -33.79 34.29 -20.75
C LEU B 264 -33.56 35.70 -20.21
N ASP B 265 -34.23 36.03 -19.11
CA ASP B 265 -34.13 37.35 -18.50
C ASP B 265 -32.80 37.63 -17.80
N ALA B 266 -31.97 36.60 -17.64
CA ALA B 266 -30.70 36.77 -16.96
C ALA B 266 -29.48 36.76 -17.87
N PHE B 267 -29.64 36.23 -19.08
CA PHE B 267 -28.52 36.16 -20.03
C PHE B 267 -28.59 37.10 -21.23
N ASP B 268 -29.78 37.23 -21.84
CA ASP B 268 -29.96 38.13 -22.97
C ASP B 268 -29.78 39.54 -22.43
N PRO B 269 -29.34 40.49 -23.28
CA PRO B 269 -29.11 41.89 -22.89
C PRO B 269 -30.31 42.76 -22.40
N ASP B 270 -31.20 43.18 -23.31
CA ASP B 270 -32.36 44.01 -22.92
C ASP B 270 -33.56 43.32 -22.28
N PRO B 271 -34.01 43.82 -21.12
CA PRO B 271 -35.17 43.17 -20.48
C PRO B 271 -36.46 43.39 -21.30
N ALA B 272 -36.43 44.38 -22.18
CA ALA B 272 -37.58 44.72 -23.03
C ALA B 272 -37.96 43.58 -23.97
N ARG B 273 -36.96 43.01 -24.65
CA ARG B 273 -37.21 41.90 -25.56
C ARG B 273 -37.62 40.67 -24.75
N VAL B 274 -37.19 40.63 -23.49
CA VAL B 274 -37.56 39.51 -22.61
C VAL B 274 -39.03 39.64 -22.24
N GLN B 275 -39.41 40.79 -21.69
CA GLN B 275 -40.80 41.02 -21.32
C GLN B 275 -41.67 41.14 -22.59
N ALA B 276 -41.04 40.97 -23.75
CA ALA B 276 -41.72 41.01 -25.06
C ALA B 276 -42.33 39.62 -25.24
N LEU B 277 -41.46 38.62 -25.25
CA LEU B 277 -41.86 37.22 -25.37
C LEU B 277 -42.82 36.79 -24.23
N LYS B 278 -42.61 37.30 -23.01
CA LYS B 278 -43.46 37.00 -21.84
C LYS B 278 -44.93 37.43 -22.01
N ASP B 279 -45.16 38.43 -22.86
CA ASP B 279 -46.50 38.95 -23.15
C ASP B 279 -47.06 38.19 -24.34
N GLN B 280 -46.15 37.65 -25.16
CA GLN B 280 -46.47 36.89 -26.35
C GLN B 280 -46.60 35.42 -25.99
N TYR B 281 -45.95 35.04 -24.89
CA TYR B 281 -45.99 33.68 -24.41
C TYR B 281 -47.26 33.49 -23.60
N ARG B 282 -47.59 34.49 -22.77
CA ARG B 282 -48.79 34.46 -21.91
C ARG B 282 -50.04 34.72 -22.71
N ALA B 283 -49.85 35.00 -24.00
CA ALA B 283 -50.94 35.29 -24.94
C ALA B 283 -51.25 34.08 -25.83
N GLY B 284 -50.47 33.90 -26.90
CA GLY B 284 -50.69 32.78 -27.81
C GLY B 284 -50.13 32.91 -29.21
N GLY B 285 -49.12 32.11 -29.52
CA GLY B 285 -48.50 32.16 -30.84
C GLY B 285 -46.99 32.11 -30.69
N LEU B 286 -46.54 32.06 -29.43
CA LEU B 286 -45.13 31.97 -29.06
C LEU B 286 -44.97 30.64 -28.33
N GLY B 287 -44.67 29.58 -29.09
CA GLY B 287 -44.51 28.26 -28.50
C GLY B 287 -43.14 28.03 -27.88
N ASP B 288 -43.10 27.12 -26.90
CA ASP B 288 -41.87 26.76 -26.18
C ASP B 288 -40.73 26.48 -27.14
N VAL B 289 -41.09 25.99 -28.31
CA VAL B 289 -40.14 25.67 -29.35
C VAL B 289 -39.34 26.94 -29.63
N LYS B 290 -40.05 27.96 -30.10
CA LYS B 290 -39.47 29.27 -30.44
C LYS B 290 -38.83 29.96 -29.24
N VAL B 291 -39.48 29.90 -28.08
CA VAL B 291 -38.93 30.52 -26.89
C VAL B 291 -37.57 29.87 -26.70
N LYS B 292 -37.55 28.60 -26.29
CA LYS B 292 -36.31 27.86 -26.11
C LYS B 292 -35.34 28.15 -27.24
N LYS B 293 -35.85 28.00 -28.47
CA LYS B 293 -35.10 28.24 -29.70
C LYS B 293 -34.31 29.54 -29.63
N HIS B 294 -34.78 30.48 -28.80
CA HIS B 294 -34.10 31.76 -28.64
C HIS B 294 -33.06 31.51 -27.53
N LEU B 295 -33.53 30.95 -26.42
CA LEU B 295 -32.69 30.64 -25.28
C LEU B 295 -31.38 29.92 -25.62
N ILE B 296 -31.30 29.34 -26.81
CA ILE B 296 -30.10 28.64 -27.23
C ILE B 296 -29.20 29.61 -27.98
N ASP B 297 -29.82 30.44 -28.82
CA ASP B 297 -29.07 31.42 -29.59
C ASP B 297 -28.58 32.51 -28.64
N VAL B 298 -29.24 32.62 -27.49
CA VAL B 298 -28.86 33.59 -26.48
C VAL B 298 -27.74 32.98 -25.65
N LEU B 299 -27.88 31.70 -25.30
CA LEU B 299 -26.85 31.02 -24.53
C LEU B 299 -25.65 30.71 -25.40
N ASN B 300 -25.80 30.92 -26.71
CA ASN B 300 -24.71 30.64 -27.63
C ASN B 300 -23.99 31.93 -27.95
N GLY B 301 -24.75 33.02 -27.95
CA GLY B 301 -24.17 34.31 -28.24
C GLY B 301 -23.26 34.67 -27.10
N VAL B 302 -23.70 34.30 -25.91
CA VAL B 302 -22.95 34.58 -24.70
C VAL B 302 -21.81 33.58 -24.49
N LEU B 303 -22.06 32.29 -24.70
CA LEU B 303 -21.04 31.25 -24.53
C LEU B 303 -19.93 31.29 -25.57
N ALA B 304 -20.26 31.86 -26.73
CA ALA B 304 -19.33 31.96 -27.84
C ALA B 304 -17.99 32.60 -27.52
N PRO B 305 -18.01 33.77 -26.86
CA PRO B 305 -16.79 34.49 -26.49
C PRO B 305 -15.97 33.71 -25.47
N ILE B 306 -16.60 33.42 -24.34
CA ILE B 306 -15.97 32.68 -23.27
C ILE B 306 -15.48 31.33 -23.78
N ARG B 307 -16.28 30.67 -24.60
CA ARG B 307 -15.91 29.38 -25.15
C ARG B 307 -14.61 29.50 -25.95
N THR B 308 -14.27 30.73 -26.35
CA THR B 308 -13.07 30.97 -27.13
C THR B 308 -11.85 31.27 -26.28
N ARG B 309 -12.01 32.05 -25.22
CA ARG B 309 -10.87 32.35 -24.36
C ARG B 309 -10.34 31.07 -23.78
N ARG B 310 -11.25 30.22 -23.28
CA ARG B 310 -10.86 28.94 -22.73
C ARG B 310 -9.94 28.30 -23.77
N ALA B 311 -10.46 28.18 -24.99
CA ALA B 311 -9.73 27.60 -26.10
C ALA B 311 -8.27 28.08 -26.26
N GLU B 312 -8.00 29.34 -25.94
CA GLU B 312 -6.66 29.93 -26.07
C GLU B 312 -5.78 29.73 -24.83
N TYR B 313 -6.43 29.52 -23.69
CA TYR B 313 -5.72 29.33 -22.43
C TYR B 313 -5.39 27.88 -22.22
N GLU B 314 -6.33 27.00 -22.57
CA GLU B 314 -6.08 25.58 -22.43
C GLU B 314 -4.86 25.32 -23.27
N ARG B 315 -4.83 25.95 -24.44
CA ARG B 315 -3.73 25.83 -25.38
C ARG B 315 -2.46 26.50 -24.85
N ASP B 316 -2.64 27.37 -23.87
CA ASP B 316 -1.53 28.11 -23.23
C ASP B 316 -1.61 27.82 -21.73
N PRO B 317 -1.21 26.61 -21.33
CA PRO B 317 -1.24 26.19 -19.94
C PRO B 317 -0.47 27.07 -18.97
N ASP B 318 0.67 27.57 -19.41
CA ASP B 318 1.54 28.39 -18.57
C ASP B 318 0.94 29.71 -18.12
N ALA B 319 -0.05 30.18 -18.86
CA ALA B 319 -0.68 31.43 -18.52
C ALA B 319 -1.43 31.28 -17.19
N VAL B 320 -2.43 30.40 -17.16
CA VAL B 320 -3.24 30.15 -15.97
C VAL B 320 -2.39 30.00 -14.71
N LEU B 321 -1.23 29.39 -14.86
CA LEU B 321 -0.33 29.22 -13.73
C LEU B 321 0.20 30.57 -13.29
N ARG B 322 0.73 31.34 -14.24
CA ARG B 322 1.25 32.66 -13.92
C ARG B 322 0.19 33.53 -13.28
N PHE B 323 -1.01 33.47 -13.84
CA PHE B 323 -2.15 34.23 -13.34
C PHE B 323 -2.31 34.06 -11.83
N VAL B 324 -2.38 32.81 -11.37
CA VAL B 324 -2.55 32.51 -9.93
C VAL B 324 -1.26 32.65 -9.11
N THR B 325 -0.14 32.26 -9.69
CA THR B 325 1.11 32.36 -8.96
C THR B 325 1.48 33.79 -8.61
N GLU B 326 1.43 34.67 -9.62
CA GLU B 326 1.74 36.09 -9.43
C GLU B 326 0.66 36.79 -8.58
N GLY B 327 -0.59 36.37 -8.73
CA GLY B 327 -1.65 36.97 -7.94
C GLY B 327 -1.55 36.51 -6.49
N THR B 328 -1.20 35.25 -6.31
CA THR B 328 -1.06 34.73 -4.97
C THR B 328 0.04 35.54 -4.28
N ALA B 329 1.21 35.57 -4.89
CA ALA B 329 2.36 36.33 -4.36
C ALA B 329 1.93 37.78 -4.12
N ARG B 330 1.10 38.32 -5.02
CA ARG B 330 0.60 39.68 -4.89
C ARG B 330 -0.23 39.75 -3.60
N GLY B 331 -1.17 38.81 -3.47
CA GLY B 331 -2.04 38.77 -2.30
C GLY B 331 -1.30 38.59 -1.00
N ARG B 332 -0.33 37.69 -1.01
CA ARG B 332 0.48 37.41 0.16
C ARG B 332 1.22 38.64 0.63
N GLU B 333 1.67 39.44 -0.33
CA GLU B 333 2.40 40.65 -0.05
C GLU B 333 1.53 41.52 0.84
N VAL B 334 0.24 41.53 0.53
CA VAL B 334 -0.72 42.34 1.25
C VAL B 334 -1.17 41.73 2.57
N ALA B 335 -1.53 40.46 2.53
CA ALA B 335 -1.97 39.76 3.72
C ALA B 335 -0.88 39.90 4.78
N ALA B 336 0.39 39.89 4.35
CA ALA B 336 1.53 40.01 5.25
C ALA B 336 1.59 41.39 5.90
N GLN B 337 1.25 42.42 5.12
CA GLN B 337 1.24 43.81 5.60
C GLN B 337 0.23 43.91 6.73
N THR B 338 -0.94 43.32 6.52
CA THR B 338 -1.97 43.35 7.55
C THR B 338 -1.49 42.66 8.83
N LEU B 339 -1.16 41.38 8.68
CA LEU B 339 -0.66 40.59 9.79
C LEU B 339 0.44 41.32 10.53
N GLY B 340 1.32 41.98 9.78
CA GLY B 340 2.38 42.74 10.40
C GLY B 340 1.74 43.69 11.39
N GLN B 341 0.68 44.38 10.95
CA GLN B 341 -0.03 45.33 11.81
C GLN B 341 -0.73 44.62 12.94
N VAL B 342 -1.44 43.56 12.61
CA VAL B 342 -2.13 42.76 13.61
C VAL B 342 -1.20 42.38 14.79
N ARG B 343 -0.16 41.59 14.50
CA ARG B 343 0.78 41.14 15.54
C ARG B 343 1.13 42.28 16.48
N ARG B 344 1.51 43.43 15.89
CA ARG B 344 1.86 44.60 16.67
C ARG B 344 0.68 45.08 17.54
N ALA B 345 -0.48 45.21 16.93
CA ALA B 345 -1.66 45.67 17.65
C ALA B 345 -1.93 44.79 18.86
N MET B 346 -2.00 43.49 18.61
CA MET B 346 -2.26 42.52 19.66
C MET B 346 -1.16 42.47 20.70
N ARG B 347 -0.08 43.20 20.43
CA ARG B 347 1.08 43.28 21.33
C ARG B 347 1.73 41.92 21.56
N LEU B 348 1.96 41.22 20.45
CA LEU B 348 2.59 39.92 20.44
C LEU B 348 4.09 39.98 20.79
N PHE B 349 4.56 38.99 21.55
CA PHE B 349 5.96 38.95 21.97
C PHE B 349 6.88 39.25 20.81
N GLY B 350 7.83 40.16 21.04
CA GLY B 350 8.77 40.52 20.01
C GLY B 350 8.25 41.52 18.99
N HIS B 351 6.96 41.86 19.07
CA HIS B 351 6.37 42.81 18.12
C HIS B 351 5.97 44.11 18.78
N ALA C 21 20.85 -47.02 9.59
CA ALA C 21 21.20 -45.57 9.50
C ALA C 21 21.99 -45.25 8.25
N ARG C 22 21.34 -45.29 7.10
CA ARG C 22 22.08 -44.97 5.95
C ARG C 22 21.47 -43.71 5.31
N PRO C 23 20.30 -43.75 4.77
CA PRO C 23 19.71 -42.59 4.13
C PRO C 23 19.05 -41.74 5.17
N ARG C 24 19.13 -40.45 5.01
CA ARG C 24 18.52 -39.56 5.95
C ARG C 24 17.05 -39.44 5.59
N VAL C 25 16.18 -39.70 6.55
CA VAL C 25 14.77 -39.59 6.30
C VAL C 25 14.24 -38.39 7.05
N LEU C 26 13.46 -37.56 6.37
CA LEU C 26 12.86 -36.42 7.04
C LEU C 26 11.33 -36.64 7.12
N THR C 27 10.72 -36.34 8.26
CA THR C 27 9.27 -36.48 8.44
C THR C 27 8.86 -35.39 9.43
N GLY C 28 7.57 -35.29 9.74
CA GLY C 28 7.17 -34.26 10.68
C GLY C 28 5.69 -34.05 10.94
N ASP C 29 5.40 -33.06 11.77
CA ASP C 29 4.04 -32.74 12.12
C ASP C 29 3.95 -31.28 12.50
N ARG C 30 2.90 -30.58 12.07
CA ARG C 30 2.76 -29.22 12.54
C ARG C 30 2.05 -29.40 13.88
N PRO C 31 2.68 -28.91 14.97
CA PRO C 31 2.18 -29.00 16.36
C PRO C 31 0.95 -28.15 16.58
N THR C 32 -0.24 -28.76 16.43
CA THR C 32 -1.50 -28.05 16.58
C THR C 32 -2.43 -28.69 17.63
N GLY C 33 -2.13 -29.95 18.01
CA GLY C 33 -2.94 -30.63 18.99
C GLY C 33 -2.30 -31.96 19.34
N ALA C 34 -2.99 -32.83 20.06
CA ALA C 34 -2.42 -34.12 20.43
C ALA C 34 -2.56 -35.08 19.27
N LEU C 35 -1.65 -36.04 19.14
CA LEU C 35 -1.74 -37.02 18.06
C LEU C 35 -2.79 -38.06 18.39
N HIS C 36 -3.30 -38.73 17.37
CA HIS C 36 -4.37 -39.68 17.55
C HIS C 36 -4.17 -40.94 16.70
N LEU C 37 -5.08 -41.90 16.85
CA LEU C 37 -5.01 -43.15 16.12
C LEU C 37 -4.78 -43.01 14.61
N GLY C 38 -5.20 -41.88 14.03
CA GLY C 38 -5.02 -41.65 12.61
C GLY C 38 -3.53 -41.51 12.25
N HIS C 39 -2.82 -40.73 13.05
CA HIS C 39 -1.38 -40.53 12.88
C HIS C 39 -0.59 -41.81 13.17
N LEU C 40 -1.12 -42.63 14.08
CA LEU C 40 -0.47 -43.86 14.45
C LEU C 40 -0.42 -44.77 13.24
N ALA C 41 -1.60 -45.03 12.70
CA ALA C 41 -1.75 -45.87 11.52
C ALA C 41 -1.10 -45.22 10.30
N GLY C 42 -1.35 -43.93 10.12
CA GLY C 42 -0.86 -43.19 8.98
C GLY C 42 0.63 -42.92 8.89
N SER C 43 1.34 -42.72 10.06
CA SER C 43 2.74 -42.34 9.90
C SER C 43 3.59 -42.90 11.05
N LEU C 44 3.20 -42.92 12.30
CA LEU C 44 3.99 -43.30 13.46
C LEU C 44 4.52 -44.71 13.33
N GLN C 45 3.68 -45.70 13.12
CA GLN C 45 4.16 -47.07 13.06
C GLN C 45 5.33 -47.17 12.07
N ASN C 46 5.13 -46.65 10.87
CA ASN C 46 6.16 -46.65 9.85
C ASN C 46 7.42 -45.93 10.34
N ARG C 47 7.24 -44.82 11.05
CA ARG C 47 8.39 -44.09 11.57
C ARG C 47 9.17 -44.85 12.65
N VAL C 48 8.48 -45.67 13.44
CA VAL C 48 9.17 -46.46 14.45
C VAL C 48 10.00 -47.51 13.73
N ARG C 49 9.55 -47.94 12.55
CA ARG C 49 10.29 -48.92 11.78
C ARG C 49 11.51 -48.24 11.17
N LEU C 50 11.30 -47.08 10.57
CA LEU C 50 12.41 -46.34 9.94
C LEU C 50 13.60 -46.02 10.86
N GLN C 51 13.36 -45.73 12.14
CA GLN C 51 14.48 -45.37 13.02
C GLN C 51 15.55 -46.45 13.12
N ASP C 52 15.17 -47.67 12.78
CA ASP C 52 16.11 -48.77 12.83
C ASP C 52 16.79 -49.08 11.48
N GLU C 53 16.29 -48.54 10.37
CA GLU C 53 16.93 -48.87 9.09
C GLU C 53 17.33 -47.64 8.28
N ALA C 54 17.44 -46.52 8.97
CA ALA C 54 17.79 -45.25 8.36
C ALA C 54 18.05 -44.30 9.51
N GLU C 55 18.46 -43.08 9.18
CA GLU C 55 18.71 -42.04 10.16
C GLU C 55 17.46 -41.15 10.11
N LEU C 56 16.61 -41.24 11.12
CA LEU C 56 15.36 -40.50 11.13
C LEU C 56 15.35 -39.11 11.79
N PHE C 57 14.81 -38.14 11.05
CA PHE C 57 14.65 -36.79 11.53
C PHE C 57 13.17 -36.45 11.57
N VAL C 58 12.71 -35.91 12.71
CA VAL C 58 11.31 -35.51 12.79
C VAL C 58 11.29 -34.04 13.13
N LEU C 59 10.57 -33.29 12.31
CA LEU C 59 10.44 -31.86 12.46
C LEU C 59 9.13 -31.42 13.11
N LEU C 60 9.25 -30.79 14.27
CA LEU C 60 8.07 -30.27 14.94
C LEU C 60 7.97 -28.91 14.27
N ALA C 61 7.20 -28.85 13.19
CA ALA C 61 7.05 -27.64 12.39
C ALA C 61 6.18 -26.53 12.97
N ASP C 62 6.66 -25.87 14.02
CA ASP C 62 5.85 -24.82 14.59
C ASP C 62 5.73 -23.57 13.70
N VAL C 63 6.70 -23.36 12.80
CA VAL C 63 6.66 -22.22 11.90
C VAL C 63 5.56 -22.43 10.88
N GLN C 64 5.52 -23.64 10.33
CA GLN C 64 4.51 -23.98 9.34
C GLN C 64 3.12 -23.95 10.01
N ALA C 65 3.04 -24.46 11.24
CA ALA C 65 1.78 -24.47 11.97
C ALA C 65 1.28 -23.03 12.08
N LEU C 66 2.19 -22.06 12.01
CA LEU C 66 1.79 -20.67 12.11
C LEU C 66 1.23 -20.06 10.82
N THR C 67 1.34 -20.76 9.69
CA THR C 67 0.86 -20.19 8.45
C THR C 67 -0.66 -20.03 8.47
N ASP C 68 -1.29 -20.74 9.40
CA ASP C 68 -2.73 -20.63 9.55
C ASP C 68 -3.12 -20.51 11.02
N HIS C 69 -2.18 -20.70 11.92
CA HIS C 69 -2.47 -20.58 13.34
C HIS C 69 -1.77 -19.37 13.89
N PHE C 70 -1.48 -18.42 13.01
CA PHE C 70 -0.79 -17.20 13.40
C PHE C 70 -1.57 -16.42 14.41
N ASP C 71 -2.85 -16.76 14.53
CA ASP C 71 -3.76 -16.12 15.45
C ASP C 71 -3.82 -16.89 16.77
N ARG C 72 -3.20 -18.07 16.79
CA ARG C 72 -3.19 -18.88 18.01
C ARG C 72 -1.81 -19.40 18.39
N PRO C 73 -0.85 -18.48 18.63
CA PRO C 73 0.52 -18.82 19.00
C PRO C 73 0.69 -19.59 20.30
N GLU C 74 -0.29 -19.49 21.19
CA GLU C 74 -0.22 -20.20 22.46
C GLU C 74 -0.48 -21.68 22.21
N GLN C 75 -1.47 -21.93 21.37
CA GLN C 75 -1.85 -23.28 21.00
C GLN C 75 -0.67 -24.02 20.36
N VAL C 76 0.06 -23.33 19.48
CA VAL C 76 1.20 -23.92 18.79
C VAL C 76 2.33 -24.21 19.75
N ARG C 77 2.65 -23.21 20.56
CA ARG C 77 3.72 -23.32 21.55
C ARG C 77 3.52 -24.53 22.46
N GLU C 78 2.30 -24.67 22.96
CA GLU C 78 1.97 -25.77 23.87
C GLU C 78 1.99 -27.13 23.23
N ASN C 79 1.78 -27.19 21.93
CA ASN C 79 1.73 -28.49 21.31
C ASN C 79 3.03 -29.05 20.86
N VAL C 80 4.08 -28.24 20.89
CA VAL C 80 5.39 -28.74 20.50
C VAL C 80 5.77 -29.83 21.51
N LEU C 81 5.71 -29.54 22.81
CA LEU C 81 6.06 -30.57 23.78
C LEU C 81 5.08 -31.72 23.83
N ALA C 82 3.80 -31.44 23.55
CA ALA C 82 2.74 -32.45 23.59
C ALA C 82 2.90 -33.46 22.47
N VAL C 83 3.27 -33.00 21.30
CA VAL C 83 3.43 -33.95 20.23
C VAL C 83 4.71 -34.72 20.50
N ALA C 84 5.71 -34.04 21.06
CA ALA C 84 6.99 -34.66 21.38
C ALA C 84 6.73 -35.88 22.28
N LEU C 85 5.93 -35.66 23.31
CA LEU C 85 5.51 -36.69 24.25
C LEU C 85 4.82 -37.81 23.46
N ASP C 86 3.95 -37.45 22.51
CA ASP C 86 3.29 -38.43 21.64
C ASP C 86 4.30 -39.24 20.76
N TYR C 87 5.36 -38.61 20.27
CA TYR C 87 6.35 -39.34 19.45
C TYR C 87 7.00 -40.41 20.31
N LEU C 88 7.32 -40.01 21.53
CA LEU C 88 7.93 -40.90 22.48
C LEU C 88 6.93 -41.98 22.91
N ALA C 89 5.73 -41.56 23.32
CA ALA C 89 4.73 -42.52 23.74
C ALA C 89 4.56 -43.57 22.66
N ALA C 90 4.61 -43.11 21.40
CA ALA C 90 4.44 -43.98 20.24
C ALA C 90 5.55 -45.01 20.14
N GLY C 91 6.75 -44.66 20.56
CA GLY C 91 7.82 -45.62 20.46
C GLY C 91 9.02 -45.05 19.72
N LEU C 92 8.99 -43.76 19.40
CA LEU C 92 10.15 -43.20 18.74
C LEU C 92 11.25 -43.18 19.81
N ASP C 93 12.41 -43.74 19.46
CA ASP C 93 13.55 -43.85 20.37
C ASP C 93 14.47 -42.63 20.43
N PRO C 94 14.55 -41.96 21.59
CA PRO C 94 15.41 -40.78 21.71
C PRO C 94 16.85 -41.02 21.26
N GLN C 95 17.26 -42.27 21.26
CA GLN C 95 18.62 -42.62 20.87
C GLN C 95 18.72 -42.97 19.40
N LYS C 96 17.57 -43.04 18.76
CA LYS C 96 17.51 -43.37 17.36
C LYS C 96 17.03 -42.20 16.50
N THR C 97 16.11 -41.40 17.04
CA THR C 97 15.54 -40.29 16.29
C THR C 97 15.86 -38.87 16.76
N THR C 98 16.14 -38.04 15.76
CA THR C 98 16.48 -36.66 15.93
C THR C 98 15.21 -35.83 15.85
N CYS C 99 14.78 -35.28 16.97
CA CYS C 99 13.56 -34.47 16.98
C CYS C 99 13.90 -32.99 17.03
N VAL C 100 13.59 -32.25 15.99
CA VAL C 100 13.95 -30.82 15.97
C VAL C 100 12.77 -29.84 15.89
N VAL C 101 12.92 -28.68 16.54
CA VAL C 101 11.89 -27.64 16.54
C VAL C 101 12.24 -26.65 15.45
N GLN C 102 11.35 -26.52 14.48
CA GLN C 102 11.54 -25.65 13.33
C GLN C 102 11.86 -24.21 13.70
N SER C 103 11.16 -23.70 14.70
CA SER C 103 11.38 -22.35 15.20
C SER C 103 12.84 -22.07 15.57
N ALA C 104 13.46 -23.03 16.26
CA ALA C 104 14.82 -22.94 16.75
C ALA C 104 15.94 -23.09 15.71
N VAL C 105 15.55 -23.21 14.46
CA VAL C 105 16.54 -23.30 13.41
C VAL C 105 16.18 -22.33 12.27
N PRO C 106 16.60 -21.07 12.41
CA PRO C 106 16.38 -19.96 11.49
C PRO C 106 16.93 -20.18 10.07
N GLU C 107 17.89 -21.09 9.95
CA GLU C 107 18.51 -21.43 8.68
C GLU C 107 17.38 -21.83 7.70
N LEU C 108 16.32 -22.46 8.20
CA LEU C 108 15.21 -22.89 7.32
C LEU C 108 14.54 -21.68 6.70
N ALA C 109 14.17 -20.72 7.53
CA ALA C 109 13.58 -19.49 7.04
C ALA C 109 14.51 -18.86 5.96
N GLU C 110 15.80 -18.73 6.29
CA GLU C 110 16.78 -18.14 5.36
C GLU C 110 16.70 -18.91 4.05
N LEU C 111 16.67 -20.24 4.13
CA LEU C 111 16.61 -21.01 2.90
C LEU C 111 15.30 -20.84 2.13
N THR C 112 14.17 -20.75 2.84
CA THR C 112 12.91 -20.62 2.11
C THR C 112 12.80 -19.34 1.29
N VAL C 113 13.31 -18.22 1.80
CA VAL C 113 13.25 -17.00 1.03
C VAL C 113 14.06 -17.16 -0.29
N TYR C 114 15.22 -17.82 -0.26
CA TYR C 114 15.99 -18.02 -1.50
C TYR C 114 15.22 -18.93 -2.46
N PHE C 115 14.51 -19.91 -1.89
CA PHE C 115 13.72 -20.85 -2.68
C PHE C 115 12.50 -20.17 -3.31
N LEU C 116 12.05 -19.08 -2.71
CA LEU C 116 10.91 -18.36 -3.26
C LEU C 116 11.14 -17.81 -4.66
N ASN C 117 12.42 -17.57 -5.00
CA ASN C 117 12.83 -17.02 -6.29
C ASN C 117 12.87 -18.12 -7.36
N LEU C 118 12.84 -19.37 -6.94
CA LEU C 118 12.91 -20.51 -7.84
C LEU C 118 11.55 -21.10 -8.15
N VAL C 119 10.48 -20.41 -7.77
CA VAL C 119 9.14 -20.88 -8.02
C VAL C 119 8.20 -19.74 -8.34
N THR C 120 7.26 -20.03 -9.24
CA THR C 120 6.32 -19.03 -9.73
C THR C 120 5.00 -19.04 -8.97
N VAL C 121 4.39 -17.86 -8.83
CA VAL C 121 3.11 -17.75 -8.13
C VAL C 121 2.13 -18.65 -8.86
N SER C 122 2.25 -18.64 -10.17
CA SER C 122 1.42 -19.43 -11.05
C SER C 122 1.50 -20.91 -10.71
N HIS C 123 2.72 -21.44 -10.65
CA HIS C 123 2.91 -22.84 -10.33
C HIS C 123 2.51 -23.13 -8.87
N LEU C 124 2.69 -22.16 -7.96
CA LEU C 124 2.30 -22.37 -6.55
C LEU C 124 0.79 -22.46 -6.45
N ARG C 125 0.10 -21.66 -7.26
CA ARG C 125 -1.35 -21.66 -7.22
C ARG C 125 -1.95 -22.96 -7.73
N GLN C 126 -1.19 -23.71 -8.52
CA GLN C 126 -1.63 -24.99 -9.08
C GLN C 126 -1.55 -26.20 -8.17
N ASN C 127 -0.79 -26.09 -7.07
CA ASN C 127 -0.63 -27.21 -6.13
C ASN C 127 -2.03 -27.69 -5.70
N PRO C 128 -2.40 -28.92 -6.12
CA PRO C 128 -3.71 -29.53 -5.80
C PRO C 128 -4.04 -29.80 -4.35
N THR C 129 -3.02 -30.01 -3.52
CA THR C 129 -3.27 -30.28 -2.12
C THR C 129 -3.53 -28.97 -1.39
N VAL C 130 -2.76 -27.92 -1.72
CA VAL C 130 -2.95 -26.61 -1.07
C VAL C 130 -4.22 -25.94 -1.55
N LYS C 131 -4.61 -26.25 -2.78
CA LYS C 131 -5.79 -25.69 -3.41
C LYS C 131 -6.99 -26.28 -2.68
N ALA C 132 -6.87 -27.56 -2.33
CA ALA C 132 -7.95 -28.22 -1.64
C ALA C 132 -8.03 -27.76 -0.19
N GLU C 133 -6.90 -27.49 0.46
CA GLU C 133 -6.93 -27.05 1.86
C GLU C 133 -7.56 -25.66 1.94
N ILE C 134 -7.26 -24.82 0.96
CA ILE C 134 -7.78 -23.47 0.92
C ILE C 134 -9.25 -23.58 0.72
N ALA C 135 -9.64 -24.56 -0.08
CA ALA C 135 -11.04 -24.81 -0.37
C ALA C 135 -11.70 -25.14 0.94
N GLN C 136 -11.22 -26.19 1.59
CA GLN C 136 -11.79 -26.63 2.86
C GLN C 136 -11.72 -25.55 3.95
N LYS C 137 -10.71 -24.69 3.86
CA LYS C 137 -10.53 -23.62 4.83
C LYS C 137 -11.50 -22.47 4.57
N GLY C 138 -12.03 -22.43 3.36
CA GLY C 138 -12.96 -21.38 2.97
C GLY C 138 -12.30 -20.00 2.90
N TYR C 139 -10.98 -19.95 2.70
CA TYR C 139 -10.31 -18.66 2.64
C TYR C 139 -10.87 -17.80 1.51
N GLY C 140 -10.96 -18.40 0.32
CA GLY C 140 -11.43 -17.65 -0.83
C GLY C 140 -10.21 -17.08 -1.51
N GLU C 141 -10.08 -15.77 -1.55
CA GLU C 141 -8.88 -15.13 -2.07
C GLU C 141 -8.01 -14.59 -0.94
N ARG C 142 -8.73 -14.56 0.21
CA ARG C 142 -8.13 -14.08 1.45
C ARG C 142 -7.18 -15.07 2.08
N VAL C 143 -6.33 -15.65 1.25
CA VAL C 143 -5.33 -16.62 1.68
C VAL C 143 -4.07 -15.90 2.20
N PRO C 144 -3.68 -16.18 3.45
CA PRO C 144 -2.50 -15.59 4.08
C PRO C 144 -1.26 -16.00 3.28
N ALA C 145 -0.46 -15.01 2.91
CA ALA C 145 0.73 -15.25 2.08
C ALA C 145 1.52 -16.47 2.52
N GLY C 146 1.82 -16.54 3.82
CA GLY C 146 2.59 -17.64 4.35
C GLY C 146 2.01 -18.99 4.01
N PHE C 147 0.70 -19.13 4.17
CA PHE C 147 0.05 -20.41 3.85
C PHE C 147 0.11 -20.76 2.35
N PHE C 148 -0.04 -19.75 1.49
CA PHE C 148 0.03 -19.97 0.06
C PHE C 148 1.43 -20.50 -0.35
N VAL C 149 2.48 -20.04 0.32
CA VAL C 149 3.83 -20.48 -0.05
C VAL C 149 4.42 -21.53 0.86
N TYR C 150 3.59 -22.15 1.69
CA TYR C 150 4.13 -23.13 2.63
C TYR C 150 4.78 -24.36 2.01
N PRO C 151 4.40 -24.73 0.79
CA PRO C 151 5.07 -25.92 0.24
C PRO C 151 6.59 -25.64 0.01
N VAL C 152 6.97 -24.37 -0.17
CA VAL C 152 8.38 -24.06 -0.39
C VAL C 152 9.17 -24.12 0.94
N SER C 153 8.57 -23.66 2.04
CA SER C 153 9.23 -23.71 3.35
C SER C 153 9.45 -25.18 3.69
N GLN C 154 8.58 -26.04 3.18
CA GLN C 154 8.76 -27.45 3.40
C GLN C 154 9.89 -27.94 2.54
N ALA C 155 9.99 -27.41 1.32
CA ALA C 155 11.07 -27.77 0.41
C ALA C 155 12.37 -27.39 1.12
N ALA C 156 12.38 -26.23 1.75
CA ALA C 156 13.52 -25.71 2.49
C ALA C 156 13.86 -26.70 3.61
N ASP C 157 12.83 -27.21 4.28
CA ASP C 157 13.05 -28.17 5.36
C ASP C 157 13.81 -29.39 4.86
N ILE C 158 13.28 -30.04 3.82
CA ILE C 158 13.89 -31.21 3.21
C ILE C 158 15.38 -31.03 2.83
N ALA C 159 15.64 -30.04 1.98
CA ALA C 159 16.97 -29.75 1.48
C ALA C 159 18.03 -29.38 2.51
N ALA C 160 17.63 -28.59 3.52
CA ALA C 160 18.52 -28.15 4.59
C ALA C 160 18.99 -29.29 5.47
N PHE C 161 18.07 -30.17 5.82
CA PHE C 161 18.44 -31.29 6.64
C PHE C 161 19.09 -32.31 5.74
N GLY C 162 19.13 -32.04 4.44
CA GLY C 162 19.75 -32.96 3.51
C GLY C 162 19.13 -34.34 3.48
N ALA C 163 17.81 -34.39 3.48
CA ALA C 163 17.09 -35.66 3.45
C ALA C 163 17.05 -36.19 2.02
N THR C 164 17.20 -37.51 1.89
CA THR C 164 17.15 -38.16 0.60
C THR C 164 15.93 -39.06 0.49
N LEU C 165 15.23 -39.22 1.60
CA LEU C 165 14.03 -40.04 1.67
C LEU C 165 12.95 -39.37 2.49
N VAL C 166 11.77 -39.19 1.89
CA VAL C 166 10.67 -38.56 2.58
C VAL C 166 9.39 -39.38 2.49
N PRO C 167 8.90 -39.91 3.64
CA PRO C 167 7.67 -40.70 3.70
C PRO C 167 6.54 -39.82 3.24
N VAL C 168 5.75 -40.32 2.29
CA VAL C 168 4.70 -39.50 1.77
C VAL C 168 3.44 -40.27 1.39
N GLY C 169 2.30 -39.64 1.60
CA GLY C 169 1.04 -40.22 1.19
C GLY C 169 0.82 -39.52 -0.15
N ASP C 170 0.02 -40.08 -1.03
CA ASP C 170 -0.17 -39.41 -2.32
C ASP C 170 -0.66 -37.98 -2.17
N ASP C 171 -1.14 -37.62 -0.99
CA ASP C 171 -1.63 -36.27 -0.76
C ASP C 171 -0.49 -35.27 -0.60
N GLN C 172 0.68 -35.75 -0.20
CA GLN C 172 1.83 -34.88 -0.04
C GLN C 172 2.80 -34.96 -1.23
N LEU C 173 2.51 -35.80 -2.22
CA LEU C 173 3.39 -35.92 -3.38
C LEU C 173 3.60 -34.61 -4.12
N PRO C 174 2.55 -33.80 -4.28
CA PRO C 174 2.85 -32.55 -5.00
C PRO C 174 3.80 -31.66 -4.18
N MET C 175 3.81 -31.82 -2.86
CA MET C 175 4.71 -31.02 -2.03
C MET C 175 6.11 -31.55 -2.35
N LEU C 176 6.24 -32.86 -2.30
CA LEU C 176 7.51 -33.53 -2.58
C LEU C 176 8.03 -33.22 -3.98
N GLU C 177 7.18 -33.40 -4.99
CA GLU C 177 7.62 -33.15 -6.36
C GLU C 177 8.11 -31.71 -6.52
N GLN C 178 7.41 -30.75 -5.94
CA GLN C 178 7.88 -29.38 -6.05
C GLN C 178 9.28 -29.26 -5.44
N THR C 179 9.51 -29.92 -4.30
CA THR C 179 10.81 -29.89 -3.64
C THR C 179 11.84 -30.35 -4.65
N ARG C 180 11.50 -31.40 -5.38
CA ARG C 180 12.38 -31.95 -6.42
C ARG C 180 12.64 -30.92 -7.52
N GLU C 181 11.62 -30.21 -7.96
CA GLU C 181 11.86 -29.23 -9.00
C GLU C 181 12.73 -28.13 -8.44
N ILE C 182 12.46 -27.71 -7.22
CA ILE C 182 13.24 -26.63 -6.64
C ILE C 182 14.73 -26.96 -6.55
N VAL C 183 15.05 -28.08 -5.90
CA VAL C 183 16.43 -28.53 -5.75
C VAL C 183 17.11 -28.59 -7.10
N ARG C 184 16.41 -29.18 -8.06
CA ARG C 184 16.90 -29.32 -9.41
C ARG C 184 17.19 -27.93 -9.99
N ARG C 185 16.29 -26.99 -9.73
CA ARG C 185 16.44 -25.63 -10.22
C ARG C 185 17.61 -24.96 -9.51
N PHE C 186 17.80 -25.27 -8.23
CA PHE C 186 18.88 -24.66 -7.46
C PHE C 186 20.25 -25.17 -7.84
N ASN C 187 20.37 -26.47 -8.08
CA ASN C 187 21.66 -27.02 -8.45
C ASN C 187 22.07 -26.54 -9.85
N ALA C 188 21.13 -26.54 -10.80
CA ALA C 188 21.46 -26.11 -12.16
C ALA C 188 21.79 -24.61 -12.26
N LEU C 189 21.21 -23.80 -11.38
CA LEU C 189 21.41 -22.35 -11.39
C LEU C 189 22.67 -21.89 -10.64
N TYR C 190 22.99 -22.58 -9.56
CA TYR C 190 24.16 -22.22 -8.78
C TYR C 190 25.18 -23.37 -8.89
N ALA C 191 25.08 -24.35 -8.01
CA ALA C 191 25.96 -25.49 -8.06
C ALA C 191 25.18 -26.66 -7.47
N PRO C 192 25.38 -27.88 -8.00
CA PRO C 192 24.71 -29.12 -7.58
C PRO C 192 25.11 -29.54 -6.18
N VAL C 193 24.65 -28.75 -5.21
CA VAL C 193 24.97 -28.92 -3.80
C VAL C 193 23.83 -29.49 -2.91
N LEU C 194 22.62 -29.56 -3.43
CA LEU C 194 21.49 -30.08 -2.66
C LEU C 194 21.12 -31.49 -3.12
N ALA C 195 20.78 -32.38 -2.20
CA ALA C 195 20.41 -33.73 -2.62
C ALA C 195 18.96 -33.74 -3.13
N GLU C 196 18.66 -34.54 -4.15
CA GLU C 196 17.30 -34.62 -4.65
C GLU C 196 16.58 -35.64 -3.80
N PRO C 197 15.49 -35.23 -3.10
CA PRO C 197 14.82 -36.25 -2.29
C PRO C 197 13.96 -37.22 -3.07
N GLN C 198 13.78 -38.41 -2.51
CA GLN C 198 12.94 -39.44 -3.12
C GLN C 198 11.82 -39.76 -2.17
N ALA C 199 10.67 -40.09 -2.73
CA ALA C 199 9.51 -40.42 -1.94
C ALA C 199 9.53 -41.84 -1.42
N GLN C 200 8.88 -42.05 -0.29
CA GLN C 200 8.74 -43.40 0.23
C GLN C 200 7.23 -43.43 0.21
N LEU C 201 6.67 -43.83 -0.93
CA LEU C 201 5.23 -43.84 -1.14
C LEU C 201 4.27 -44.57 -0.17
N SER C 202 3.20 -43.85 0.13
CA SER C 202 2.04 -44.20 0.95
C SER C 202 2.15 -44.93 2.26
N ARG C 203 0.98 -45.17 2.84
CA ARG C 203 0.80 -45.88 4.10
C ARG C 203 -0.57 -46.56 4.02
N VAL C 204 -1.03 -46.77 2.79
CA VAL C 204 -2.33 -47.37 2.53
C VAL C 204 -3.32 -46.35 3.10
N PRO C 205 -4.55 -46.32 2.56
CA PRO C 205 -5.61 -45.40 2.97
C PRO C 205 -5.55 -44.83 4.37
N ARG C 206 -6.08 -43.62 4.50
CA ARG C 206 -6.12 -42.89 5.75
C ARG C 206 -7.26 -43.35 6.65
N LEU C 207 -6.95 -43.50 7.94
CA LEU C 207 -7.91 -43.95 8.93
C LEU C 207 -9.11 -42.99 9.05
N PRO C 208 -10.33 -43.51 8.83
CA PRO C 208 -11.56 -42.71 8.91
C PRO C 208 -11.86 -42.39 10.37
N GLY C 209 -12.76 -41.42 10.58
CA GLY C 209 -13.15 -41.04 11.92
C GLY C 209 -14.14 -42.01 12.56
N LEU C 210 -14.39 -41.83 13.86
CA LEU C 210 -15.32 -42.67 14.60
C LEU C 210 -16.74 -42.68 13.99
N ASP C 211 -17.27 -41.55 13.50
CA ASP C 211 -18.61 -41.57 12.90
C ASP C 211 -18.52 -41.90 11.41
N GLY C 212 -17.39 -42.47 11.00
CA GLY C 212 -17.26 -42.87 9.62
C GLY C 212 -16.80 -41.84 8.61
N GLN C 213 -16.66 -40.59 9.02
CA GLN C 213 -16.20 -39.59 8.09
C GLN C 213 -14.81 -39.88 7.54
N ALA C 214 -14.59 -39.46 6.30
CA ALA C 214 -13.31 -39.65 5.63
C ALA C 214 -12.09 -39.35 6.49
N LYS C 215 -12.15 -38.26 7.25
CA LYS C 215 -11.05 -37.80 8.09
C LYS C 215 -11.25 -37.89 9.62
N MET C 216 -10.22 -38.39 10.31
CA MET C 216 -10.26 -38.48 11.76
C MET C 216 -9.61 -37.21 12.28
N SER C 217 -10.32 -36.47 13.13
CA SER C 217 -9.75 -35.23 13.64
C SER C 217 -10.37 -34.81 14.97
N LYS C 218 -9.53 -34.19 15.79
CA LYS C 218 -9.95 -33.67 17.10
C LYS C 218 -11.04 -32.65 16.77
N SER C 219 -10.70 -31.77 15.84
CA SER C 219 -11.59 -30.71 15.36
C SER C 219 -12.99 -31.25 15.06
N LEU C 220 -13.03 -32.30 14.25
CA LEU C 220 -14.28 -32.93 13.87
C LEU C 220 -14.94 -33.64 15.07
N GLY C 221 -14.17 -33.83 16.14
CA GLY C 221 -14.66 -34.48 17.34
C GLY C 221 -14.87 -35.97 17.24
N ASN C 222 -14.25 -36.60 16.24
CA ASN C 222 -14.39 -38.03 16.02
C ASN C 222 -13.06 -38.77 16.11
N ALA C 223 -12.24 -38.41 17.08
CA ALA C 223 -10.96 -39.08 17.22
C ALA C 223 -10.74 -39.80 18.54
N ILE C 224 -9.67 -40.59 18.56
CA ILE C 224 -9.20 -41.33 19.73
C ILE C 224 -7.75 -40.87 19.86
N ALA C 225 -7.46 -40.07 20.87
CA ALA C 225 -6.10 -39.57 21.11
C ALA C 225 -5.24 -40.70 21.59
N LEU C 226 -3.94 -40.64 21.30
CA LEU C 226 -3.02 -41.67 21.76
C LEU C 226 -3.04 -41.65 23.28
N GLY C 227 -3.32 -40.47 23.83
CA GLY C 227 -3.37 -40.29 25.26
C GLY C 227 -4.69 -40.67 25.91
N ASP C 228 -5.72 -41.05 25.13
CA ASP C 228 -6.99 -41.45 25.74
C ASP C 228 -6.83 -42.67 26.63
N SER C 229 -7.52 -42.66 27.77
CA SER C 229 -7.46 -43.75 28.75
C SER C 229 -8.05 -45.00 28.13
N ALA C 230 -7.69 -46.17 28.66
CA ALA C 230 -8.23 -47.42 28.13
C ALA C 230 -9.74 -47.43 28.26
N ASP C 231 -10.26 -46.69 29.24
CA ASP C 231 -11.71 -46.59 29.44
C ASP C 231 -12.27 -45.79 28.27
N GLU C 232 -11.78 -44.57 28.11
CA GLU C 232 -12.22 -43.68 27.02
C GLU C 232 -12.19 -44.39 25.68
N VAL C 233 -11.08 -45.06 25.39
CA VAL C 233 -10.98 -45.78 24.15
C VAL C 233 -12.17 -46.75 24.07
N ALA C 234 -12.48 -47.44 25.16
CA ALA C 234 -13.61 -48.36 25.15
C ALA C 234 -14.88 -47.58 24.76
N ARG C 235 -15.18 -46.50 25.49
CA ARG C 235 -16.38 -45.69 25.23
C ARG C 235 -16.51 -45.20 23.80
N LYS C 236 -15.40 -44.66 23.28
CA LYS C 236 -15.37 -44.12 21.93
C LYS C 236 -15.67 -45.15 20.85
N VAL C 237 -15.15 -46.38 21.05
CA VAL C 237 -15.37 -47.48 20.12
C VAL C 237 -16.84 -47.92 20.14
N MET C 238 -17.45 -47.84 21.31
CA MET C 238 -18.85 -48.23 21.51
C MET C 238 -19.78 -47.35 20.71
N GLY C 239 -19.54 -46.05 20.75
CA GLY C 239 -20.38 -45.12 20.01
C GLY C 239 -20.01 -44.88 18.56
N MET C 240 -19.26 -45.83 17.98
CA MET C 240 -18.83 -45.71 16.61
C MET C 240 -19.91 -45.99 15.59
N TYR C 241 -19.91 -45.19 14.53
CA TYR C 241 -20.85 -45.37 13.42
C TYR C 241 -20.61 -46.79 12.90
N THR C 242 -21.62 -47.42 12.31
CA THR C 242 -21.45 -48.79 11.80
C THR C 242 -22.07 -49.04 10.43
N ASP C 243 -23.38 -49.23 10.40
CA ASP C 243 -24.10 -49.51 9.17
C ASP C 243 -25.54 -49.06 9.34
N PRO C 244 -25.87 -47.87 8.82
CA PRO C 244 -27.22 -47.31 8.90
C PRO C 244 -28.33 -48.36 8.72
N GLY C 245 -28.14 -49.30 7.81
CA GLY C 245 -29.11 -50.35 7.55
C GLY C 245 -29.09 -51.54 8.50
N HIS C 246 -28.06 -51.61 9.34
CA HIS C 246 -27.95 -52.69 10.32
C HIS C 246 -28.66 -52.10 11.55
N LEU C 247 -29.75 -52.73 11.98
CA LEU C 247 -30.56 -52.22 13.09
C LEU C 247 -30.58 -53.08 14.35
N ARG C 248 -30.29 -54.36 14.18
CA ARG C 248 -30.23 -55.33 15.29
C ARG C 248 -29.26 -56.42 14.85
N ALA C 249 -28.79 -57.19 15.82
CA ALA C 249 -27.83 -58.27 15.59
C ALA C 249 -28.23 -59.30 14.53
N SER C 250 -29.45 -59.80 14.60
CA SER C 250 -29.97 -60.79 13.65
C SER C 250 -29.76 -60.33 12.22
N ASP C 251 -30.04 -59.06 11.97
CA ASP C 251 -29.88 -58.46 10.66
C ASP C 251 -28.50 -58.62 10.06
N PRO C 252 -28.42 -58.59 8.71
CA PRO C 252 -27.12 -58.70 8.04
C PRO C 252 -26.63 -57.26 7.95
N GLY C 253 -25.33 -57.08 7.94
CA GLY C 253 -24.80 -55.73 7.88
C GLY C 253 -23.64 -55.58 6.94
N ARG C 254 -23.43 -54.36 6.49
CA ARG C 254 -22.37 -54.11 5.56
C ARG C 254 -21.02 -53.81 6.19
N VAL C 255 -19.97 -54.32 5.56
CA VAL C 255 -18.61 -54.10 6.02
C VAL C 255 -18.04 -52.80 5.45
N GLU C 256 -18.11 -52.66 4.14
CA GLU C 256 -17.62 -51.48 3.43
C GLU C 256 -18.26 -50.22 4.03
N GLY C 257 -17.44 -49.20 4.23
CA GLY C 257 -17.94 -47.94 4.77
C GLY C 257 -18.07 -47.96 6.28
N ASN C 258 -18.03 -49.16 6.87
CA ASN C 258 -18.15 -49.37 8.31
C ASN C 258 -16.77 -49.27 8.99
N PRO C 259 -16.47 -48.10 9.56
CA PRO C 259 -15.17 -47.89 10.22
C PRO C 259 -14.76 -48.95 11.22
N VAL C 260 -15.71 -49.58 11.92
CA VAL C 260 -15.32 -50.61 12.87
C VAL C 260 -14.47 -51.67 12.17
N PHE C 261 -14.77 -51.94 10.90
CA PHE C 261 -14.00 -52.92 10.15
C PHE C 261 -12.77 -52.32 9.50
N THR C 262 -12.77 -51.01 9.31
CA THR C 262 -11.64 -50.33 8.71
C THR C 262 -10.58 -50.21 9.78
N PHE C 263 -11.03 -50.05 11.01
CA PHE C 263 -10.08 -49.94 12.09
C PHE C 263 -9.49 -51.31 12.32
N LEU C 264 -10.28 -52.35 12.08
CA LEU C 264 -9.77 -53.69 12.31
C LEU C 264 -8.70 -54.07 11.31
N ASP C 265 -8.82 -53.62 10.07
CA ASP C 265 -7.81 -53.96 9.06
C ASP C 265 -6.48 -53.25 9.29
N ALA C 266 -6.50 -52.15 10.03
CA ALA C 266 -5.31 -51.36 10.29
C ALA C 266 -4.59 -51.71 11.59
N PHE C 267 -5.27 -52.42 12.49
CA PHE C 267 -4.67 -52.74 13.77
C PHE C 267 -4.79 -54.17 14.29
N ASP C 268 -5.75 -54.92 13.77
CA ASP C 268 -5.92 -56.30 14.22
C ASP C 268 -4.78 -57.18 13.71
N PRO C 269 -3.95 -57.68 14.64
CA PRO C 269 -2.79 -58.52 14.35
C PRO C 269 -3.11 -59.74 13.52
N ASP C 270 -4.26 -60.37 13.76
CA ASP C 270 -4.60 -61.55 12.97
C ASP C 270 -5.81 -61.41 12.06
N PRO C 271 -5.55 -61.31 10.75
CA PRO C 271 -6.57 -61.18 9.70
C PRO C 271 -7.53 -62.37 9.63
N ALA C 272 -7.20 -63.45 10.33
CA ALA C 272 -8.04 -64.65 10.35
C ALA C 272 -9.30 -64.31 11.12
N ARG C 273 -9.11 -63.70 12.28
CA ARG C 273 -10.22 -63.27 13.13
C ARG C 273 -10.98 -62.23 12.32
N VAL C 274 -10.26 -61.23 11.82
CA VAL C 274 -10.85 -60.16 11.03
C VAL C 274 -11.75 -60.70 9.92
N GLN C 275 -11.18 -61.52 9.04
CA GLN C 275 -11.96 -62.11 7.96
C GLN C 275 -13.11 -62.94 8.49
N ALA C 276 -12.91 -63.58 9.64
CA ALA C 276 -13.99 -64.40 10.19
C ALA C 276 -15.11 -63.48 10.62
N LEU C 277 -14.76 -62.42 11.33
CA LEU C 277 -15.74 -61.46 11.81
C LEU C 277 -16.53 -60.91 10.64
N LYS C 278 -15.83 -60.56 9.57
CA LYS C 278 -16.48 -60.03 8.39
C LYS C 278 -17.52 -61.00 7.86
N ASP C 279 -17.16 -62.27 7.83
CA ASP C 279 -18.06 -63.30 7.36
C ASP C 279 -19.37 -63.22 8.15
N GLN C 280 -19.31 -63.66 9.39
CA GLN C 280 -20.45 -63.67 10.30
C GLN C 280 -21.21 -62.36 10.37
N TYR C 281 -20.60 -61.24 10.00
CA TYR C 281 -21.33 -59.98 10.09
C TYR C 281 -22.26 -59.83 8.92
N ARG C 282 -21.77 -60.14 7.72
CA ARG C 282 -22.60 -60.05 6.54
C ARG C 282 -23.68 -61.13 6.64
N ALA C 283 -23.33 -62.23 7.30
CA ALA C 283 -24.28 -63.32 7.50
C ALA C 283 -25.47 -62.75 8.26
N GLY C 284 -25.29 -62.57 9.56
CA GLY C 284 -26.34 -62.02 10.39
C GLY C 284 -26.22 -62.61 11.76
N GLY C 285 -26.73 -61.92 12.76
CA GLY C 285 -26.65 -62.42 14.12
C GLY C 285 -25.46 -61.89 14.89
N LEU C 286 -24.49 -61.34 14.16
CA LEU C 286 -23.29 -60.77 14.80
C LEU C 286 -23.56 -59.28 14.92
N GLY C 287 -23.87 -58.86 16.14
CA GLY C 287 -24.16 -57.47 16.39
C GLY C 287 -22.92 -56.62 16.41
N ASP C 288 -23.15 -55.32 16.48
CA ASP C 288 -22.07 -54.36 16.52
C ASP C 288 -21.36 -54.53 17.86
N VAL C 289 -22.11 -54.95 18.88
CA VAL C 289 -21.54 -55.15 20.21
C VAL C 289 -20.41 -56.17 20.28
N LYS C 290 -20.59 -57.35 19.70
CA LYS C 290 -19.56 -58.38 19.73
C LYS C 290 -18.35 -58.01 18.87
N VAL C 291 -18.62 -57.29 17.79
CA VAL C 291 -17.54 -56.86 16.91
C VAL C 291 -16.76 -55.75 17.60
N LYS C 292 -17.48 -54.72 18.04
CA LYS C 292 -16.89 -53.60 18.72
C LYS C 292 -16.14 -54.04 19.94
N LYS C 293 -16.69 -55.01 20.67
CA LYS C 293 -16.01 -55.49 21.86
C LYS C 293 -14.66 -56.10 21.43
N HIS C 294 -14.59 -56.68 20.23
CA HIS C 294 -13.35 -57.27 19.75
C HIS C 294 -12.38 -56.20 19.22
N LEU C 295 -12.91 -55.04 18.86
CA LEU C 295 -12.08 -53.95 18.35
C LEU C 295 -11.37 -53.36 19.56
N ILE C 296 -12.14 -53.27 20.64
CA ILE C 296 -11.63 -52.73 21.89
C ILE C 296 -10.42 -53.54 22.35
N ASP C 297 -10.51 -54.87 22.28
CA ASP C 297 -9.39 -55.73 22.68
C ASP C 297 -8.17 -55.55 21.78
N VAL C 298 -8.38 -55.38 20.47
CA VAL C 298 -7.25 -55.20 19.57
C VAL C 298 -6.62 -53.82 19.76
N LEU C 299 -7.46 -52.80 19.94
CA LEU C 299 -6.92 -51.46 20.15
C LEU C 299 -6.21 -51.36 21.49
N ASN C 300 -6.76 -51.98 22.53
CA ASN C 300 -6.11 -51.91 23.83
C ASN C 300 -4.73 -52.60 23.78
N GLY C 301 -4.58 -53.59 22.92
CA GLY C 301 -3.31 -54.27 22.78
C GLY C 301 -2.29 -53.41 22.05
N VAL C 302 -2.76 -52.61 21.10
CA VAL C 302 -1.88 -51.72 20.36
C VAL C 302 -1.55 -50.50 21.21
N LEU C 303 -2.55 -50.02 21.94
CA LEU C 303 -2.42 -48.83 22.76
C LEU C 303 -1.82 -48.93 24.16
N ALA C 304 -2.08 -50.03 24.86
CA ALA C 304 -1.56 -50.21 26.22
C ALA C 304 -0.08 -49.84 26.38
N PRO C 305 0.80 -50.37 25.50
CA PRO C 305 2.21 -50.01 25.66
C PRO C 305 2.45 -48.53 25.41
N ILE C 306 1.64 -47.93 24.55
CA ILE C 306 1.79 -46.53 24.27
C ILE C 306 1.36 -45.72 25.49
N ARG C 307 0.31 -46.19 26.19
CA ARG C 307 -0.20 -45.51 27.40
C ARG C 307 0.80 -45.54 28.54
N THR C 308 1.49 -46.66 28.69
CA THR C 308 2.47 -46.82 29.76
C THR C 308 3.67 -45.90 29.57
N ARG C 309 4.22 -45.87 28.36
CA ARG C 309 5.37 -44.99 28.07
C ARG C 309 4.91 -43.54 28.23
N ARG C 310 3.73 -43.22 27.69
CA ARG C 310 3.26 -41.85 27.83
C ARG C 310 3.26 -41.45 29.31
N ALA C 311 2.56 -42.21 30.17
CA ALA C 311 2.50 -41.92 31.61
C ALA C 311 3.92 -41.80 32.18
N GLU C 312 4.76 -42.76 31.86
CA GLU C 312 6.16 -42.78 32.29
C GLU C 312 6.87 -41.44 32.02
N TYR C 313 6.79 -41.02 30.77
CA TYR C 313 7.40 -39.77 30.34
C TYR C 313 6.72 -38.57 30.98
N GLU C 314 5.50 -38.74 31.45
CA GLU C 314 4.82 -37.64 32.14
C GLU C 314 5.52 -37.39 33.47
N ARG C 315 6.05 -38.46 34.09
CA ARG C 315 6.76 -38.35 35.37
C ARG C 315 8.13 -37.74 35.14
N ASP C 316 8.62 -37.87 33.90
CA ASP C 316 9.95 -37.40 33.52
C ASP C 316 9.90 -36.26 32.48
N PRO C 317 9.36 -35.09 32.86
CA PRO C 317 9.27 -33.95 31.94
C PRO C 317 10.63 -33.57 31.37
N ASP C 318 11.67 -33.66 32.19
CA ASP C 318 13.00 -33.33 31.72
C ASP C 318 13.47 -34.23 30.58
N ALA C 319 13.11 -35.51 30.63
CA ALA C 319 13.50 -36.46 29.59
C ALA C 319 12.86 -36.09 28.24
N VAL C 320 11.66 -35.52 28.25
CA VAL C 320 10.99 -35.10 27.00
C VAL C 320 11.72 -33.88 26.45
N LEU C 321 12.02 -32.94 27.33
CA LEU C 321 12.72 -31.72 26.95
C LEU C 321 14.10 -32.06 26.38
N ARG C 322 14.75 -33.04 26.97
CA ARG C 322 16.06 -33.46 26.51
C ARG C 322 15.93 -33.96 25.08
N PHE C 323 14.85 -34.68 24.80
CA PHE C 323 14.57 -35.26 23.49
C PHE C 323 14.62 -34.23 22.37
N VAL C 324 13.92 -33.11 22.59
CA VAL C 324 13.79 -32.01 21.63
C VAL C 324 14.93 -30.99 21.58
N THR C 325 15.48 -30.62 22.73
CA THR C 325 16.59 -29.66 22.75
C THR C 325 17.86 -30.30 22.16
N GLU C 326 17.96 -31.63 22.21
CA GLU C 326 19.15 -32.28 21.65
C GLU C 326 19.01 -32.57 20.15
N GLY C 327 17.82 -32.99 19.75
CA GLY C 327 17.57 -33.25 18.35
C GLY C 327 17.77 -31.92 17.68
N THR C 328 17.22 -30.88 18.30
CA THR C 328 17.36 -29.52 17.76
C THR C 328 18.82 -29.11 17.56
N ALA C 329 19.67 -29.37 18.56
CA ALA C 329 21.09 -29.02 18.46
C ALA C 329 21.66 -29.70 17.25
N ARG C 330 21.43 -31.00 17.16
CA ARG C 330 21.89 -31.78 16.03
C ARG C 330 21.40 -31.15 14.73
N GLY C 331 20.07 -30.98 14.63
CA GLY C 331 19.44 -30.41 13.44
C GLY C 331 20.00 -29.06 13.07
N ARG C 332 20.12 -28.19 14.05
CA ARG C 332 20.67 -26.87 13.81
C ARG C 332 22.05 -26.96 13.11
N GLU C 333 22.90 -27.87 13.56
CA GLU C 333 24.23 -28.03 12.96
C GLU C 333 24.11 -28.54 11.52
N VAL C 334 23.21 -29.49 11.31
CA VAL C 334 23.04 -30.02 9.97
C VAL C 334 22.58 -28.92 9.03
N ALA C 335 21.58 -28.14 9.45
CA ALA C 335 21.08 -27.09 8.60
C ALA C 335 22.19 -26.07 8.39
N ALA C 336 22.89 -25.74 9.47
CA ALA C 336 24.01 -24.79 9.38
C ALA C 336 24.99 -25.17 8.27
N GLN C 337 25.36 -26.45 8.17
CA GLN C 337 26.31 -26.90 7.14
C GLN C 337 25.77 -26.65 5.76
N THR C 338 24.55 -27.11 5.53
CA THR C 338 23.89 -26.98 4.23
C THR C 338 23.76 -25.55 3.77
N LEU C 339 23.46 -24.64 4.69
CA LEU C 339 23.34 -23.24 4.34
C LEU C 339 24.73 -22.75 3.92
N GLY C 340 25.77 -23.35 4.54
CA GLY C 340 27.14 -23.01 4.22
C GLY C 340 27.38 -23.26 2.75
N GLN C 341 27.12 -24.48 2.31
CA GLN C 341 27.29 -24.80 0.91
C GLN C 341 26.32 -24.02 0.01
N VAL C 342 25.15 -23.67 0.53
CA VAL C 342 24.16 -22.91 -0.23
C VAL C 342 24.67 -21.49 -0.50
N ARG C 343 25.15 -20.84 0.58
CA ARG C 343 25.65 -19.47 0.49
C ARG C 343 26.83 -19.40 -0.48
N ARG C 344 27.78 -20.31 -0.32
CA ARG C 344 28.92 -20.33 -1.23
C ARG C 344 28.40 -20.54 -2.67
N ALA C 345 27.56 -21.55 -2.86
CA ALA C 345 27.02 -21.87 -4.19
C ALA C 345 26.31 -20.70 -4.84
N MET C 346 25.66 -19.90 -4.01
CA MET C 346 24.92 -18.74 -4.49
C MET C 346 25.80 -17.53 -4.79
N ARG C 347 27.09 -17.65 -4.46
CA ARG C 347 28.02 -16.55 -4.69
C ARG C 347 27.64 -15.35 -3.81
N LEU C 348 27.10 -15.62 -2.63
CA LEU C 348 26.70 -14.53 -1.75
C LEU C 348 27.89 -13.76 -1.22
N PHE C 349 27.78 -12.44 -1.25
CA PHE C 349 28.87 -11.59 -0.80
C PHE C 349 29.48 -12.14 0.49
N GLY C 350 30.80 -12.38 0.45
CA GLY C 350 31.53 -12.90 1.60
C GLY C 350 31.62 -14.41 1.75
N HIS C 351 31.27 -15.14 0.69
CA HIS C 351 31.29 -16.60 0.70
C HIS C 351 31.90 -17.14 -0.59
MG MG D . 14.08 -1.68 -10.49
PG ATP E . 16.99 -1.74 -12.69
O1G ATP E . 16.76 -2.93 -11.62
O2G ATP E . 18.54 -1.83 -13.20
O3G ATP E . 16.00 -1.57 -13.75
PB ATP E . 15.89 0.80 -11.11
O1B ATP E . 14.44 0.45 -11.33
O2B ATP E . 16.17 2.16 -11.75
O3B ATP E . 17.14 -0.37 -11.76
PA ATP E . 15.95 -0.06 -8.31
O1A ATP E . 14.53 -0.45 -8.44
O2A ATP E . 16.92 -1.19 -8.28
O3A ATP E . 16.21 1.04 -9.50
O5' ATP E . 16.02 0.70 -6.89
C5' ATP E . 17.29 1.17 -6.44
C4' ATP E . 17.31 2.46 -5.69
O4' ATP E . 17.58 3.63 -6.53
C3' ATP E . 16.11 2.92 -4.84
O3' ATP E . 16.60 3.66 -3.71
C2' ATP E . 15.33 3.75 -5.83
O2' ATP E . 14.40 4.65 -5.30
C1' ATP E . 16.40 4.47 -6.59
N9 ATP E . 16.07 4.91 -7.99
C8 ATP E . 16.23 4.25 -9.18
N7 ATP E . 15.85 4.93 -10.24
C5 ATP E . 15.38 6.13 -9.73
C6 ATP E . 14.84 7.30 -10.35
N6 ATP E . 14.64 7.40 -11.69
N1 ATP E . 14.47 8.36 -9.54
C2 ATP E . 14.65 8.25 -8.21
N3 ATP E . 15.16 7.20 -7.51
C4 ATP E . 15.51 6.17 -8.33
#